data_3BRO
#
_entry.id   3BRO
#
_cell.length_a   61.489
_cell.length_b   80.426
_cell.length_c   143.257
_cell.angle_alpha   90.00
_cell.angle_beta   90.00
_cell.angle_gamma   90.00
#
_symmetry.space_group_name_H-M   'P 21 21 21'
#
loop_
_entity.id
_entity.type
_entity.pdbx_description
1 polymer 'Transcriptional regulator'
2 non-polymer 'CHLORIDE ION'
3 non-polymer GLYCEROL
4 water water
#
_entity_poly.entity_id   1
_entity_poly.type   'polypeptide(L)'
_entity_poly.pdbx_seq_one_letter_code
;SNA(MSE)SRDLGRLLKIASNQ(MSE)STRFDIFAKKYDLTGTQ(MSE)TIIDYLSRNKNKEVLQRDLESEFSIKSSTAT
VLLQR(MSE)EIKKLLYRKVSGKDSRQKCLKLTKKANKLETIILSY(MSE)DSDQSQ(MSE)TSGLNKEEVVFLEKILKR
(MSE)IESD
;
_entity_poly.pdbx_strand_id   A,B,C,D
#
loop_
_chem_comp.id
_chem_comp.type
_chem_comp.name
_chem_comp.formula
CL non-polymer 'CHLORIDE ION' 'Cl -1'
GOL non-polymer GLYCEROL 'C3 H8 O3'
#
# COMPACT_ATOMS: atom_id res chain seq x y z
N ARG A 6 15.51 -9.86 1.07
CA ARG A 6 17.04 -10.01 0.97
C ARG A 6 17.75 -8.71 0.54
N ASP A 7 17.38 -8.21 -0.64
CA ASP A 7 17.66 -6.81 -0.93
C ASP A 7 16.99 -5.97 0.14
N LEU A 8 15.82 -6.37 0.63
CA LEU A 8 15.11 -5.65 1.71
C LEU A 8 15.95 -5.47 2.97
N GLY A 9 16.43 -6.57 3.52
CA GLY A 9 17.28 -6.51 4.71
C GLY A 9 18.47 -5.58 4.54
N ARG A 10 19.12 -5.70 3.42
CA ARG A 10 20.28 -4.84 3.11
C ARG A 10 19.91 -3.36 3.10
N LEU A 11 18.81 -3.04 2.42
CA LEU A 11 18.33 -1.67 2.30
C LEU A 11 17.84 -1.10 3.61
N LEU A 12 17.18 -1.94 4.39
CA LEU A 12 16.69 -1.53 5.71
C LEU A 12 17.84 -1.08 6.61
N LYS A 13 18.92 -1.85 6.62
CA LYS A 13 20.09 -1.47 7.39
C LYS A 13 20.76 -0.18 6.91
N ILE A 14 20.90 -0.02 5.60
CA ILE A 14 21.48 1.19 5.08
C ILE A 14 20.68 2.43 5.41
N ALA A 15 19.37 2.37 5.16
CA ALA A 15 18.47 3.49 5.42
C ALA A 15 18.42 3.88 6.88
N SER A 16 18.40 2.90 7.77
CA SER A 16 18.47 3.19 9.20
C SER A 16 19.80 3.82 9.61
N ASN A 17 20.90 3.31 9.07
CA ASN A 17 22.21 3.87 9.45
C ASN A 17 22.44 5.28 8.86
N GLN A 18 21.99 5.52 7.63
CA GLN A 18 21.98 6.89 7.10
C GLN A 18 21.21 7.88 7.96
N MSE A 19 20.04 7.46 8.43
CA MSE A 19 19.26 8.30 9.28
C MSE A 19 19.97 8.57 10.65
O MSE A 19 20.00 9.69 11.08
CB MSE A 19 17.87 7.71 9.47
CG MSE A 19 17.05 8.34 10.62
SE MSE A 19 15.21 7.61 10.62
CE MSE A 19 15.68 5.71 10.97
N SER A 20 20.50 7.54 11.30
N SER A 20 20.51 7.54 11.30
CA SER A 20 21.23 7.71 12.58
CA SER A 20 21.21 7.73 12.59
C SER A 20 22.39 8.66 12.38
C SER A 20 22.43 8.62 12.41
N THR A 21 23.08 8.51 11.25
CA THR A 21 24.19 9.41 10.88
C THR A 21 23.77 10.87 10.78
N ARG A 22 22.71 11.15 10.04
CA ARG A 22 22.20 12.54 9.88
C ARG A 22 21.77 13.05 11.25
N PHE A 23 21.12 12.21 12.05
CA PHE A 23 20.60 12.66 13.36
C PHE A 23 21.76 13.07 14.26
N ASP A 24 22.83 12.29 14.22
CA ASP A 24 24.01 12.59 15.04
C ASP A 24 24.70 13.90 14.61
N ILE A 25 24.77 14.14 13.29
CA ILE A 25 25.39 15.36 12.82
C ILE A 25 24.60 16.55 13.32
N PHE A 26 23.27 16.51 13.19
CA PHE A 26 22.45 17.61 13.68
C PHE A 26 22.59 17.82 15.23
N ALA A 27 22.52 16.71 15.94
CA ALA A 27 22.40 16.73 17.34
C ALA A 27 23.70 17.21 18.01
N LYS A 28 24.81 16.84 17.43
CA LYS A 28 26.11 17.24 17.94
C LYS A 28 26.29 18.75 18.02
N LYS A 29 25.61 19.51 17.17
CA LYS A 29 25.66 20.97 17.24
C LYS A 29 25.08 21.49 18.55
N TYR A 30 24.20 20.71 19.18
CA TYR A 30 23.57 21.08 20.45
C TYR A 30 24.03 20.23 21.61
N ASP A 31 25.20 19.61 21.46
CA ASP A 31 25.85 18.81 22.48
C ASP A 31 25.02 17.60 22.87
N LEU A 32 24.36 17.01 21.87
CA LEU A 32 23.51 15.84 22.04
C LEU A 32 23.97 14.75 21.11
N THR A 33 23.65 13.51 21.46
CA THR A 33 23.67 12.41 20.50
C THR A 33 22.32 12.40 19.78
N GLY A 34 22.32 11.77 18.61
CA GLY A 34 21.08 11.57 17.86
C GLY A 34 20.02 10.89 18.69
N THR A 35 20.39 9.84 19.39
CA THR A 35 19.39 9.17 20.21
C THR A 35 18.83 10.08 21.29
N GLN A 36 19.69 10.80 21.98
CA GLN A 36 19.22 11.76 22.99
C GLN A 36 18.24 12.81 22.44
N MSE A 37 18.57 13.33 21.26
CA MSE A 37 17.73 14.24 20.55
C MSE A 37 16.34 13.62 20.26
O MSE A 37 15.30 14.24 20.48
CB MSE A 37 18.49 14.72 19.29
CG MSE A 37 17.76 15.64 18.39
SE MSE A 37 16.48 14.77 17.09
CE MSE A 37 17.82 13.80 15.99
N THR A 38 16.32 12.35 19.83
CA THR A 38 15.03 11.65 19.68
C THR A 38 14.18 11.52 20.94
N ILE A 39 14.82 11.43 22.10
CA ILE A 39 14.09 11.35 23.36
C ILE A 39 13.49 12.70 23.72
N ILE A 40 14.27 13.75 23.54
CA ILE A 40 13.75 15.10 23.73
C ILE A 40 12.52 15.34 22.85
N ASP A 41 12.66 14.97 21.58
CA ASP A 41 11.58 15.12 20.57
C ASP A 41 10.32 14.42 21.05
N TYR A 42 10.49 13.17 21.51
CA TYR A 42 9.37 12.41 22.04
C TYR A 42 8.69 13.01 23.26
N LEU A 43 9.47 13.36 24.25
CA LEU A 43 8.94 13.96 25.44
C LEU A 43 8.28 15.34 25.17
N SER A 44 8.87 16.13 24.28
CA SER A 44 8.29 17.39 23.87
C SER A 44 6.89 17.21 23.24
N ARG A 45 6.72 16.14 22.44
CA ARG A 45 5.44 15.83 21.74
C ARG A 45 4.41 15.14 22.63
N ASN A 46 4.81 14.79 23.84
CA ASN A 46 3.97 13.98 24.71
C ASN A 46 3.82 14.52 26.13
N LYS A 47 3.85 15.85 26.27
CA LYS A 47 3.66 16.48 27.59
C LYS A 47 2.25 16.34 28.17
N ASN A 48 1.28 15.98 27.32
N ASN A 48 1.26 15.98 27.37
CA ASN A 48 -0.09 15.67 27.76
CA ASN A 48 -0.07 15.75 27.90
C ASN A 48 -0.21 14.41 28.66
C ASN A 48 -0.28 14.28 28.37
N LYS A 49 0.82 13.58 28.65
CA LYS A 49 0.80 12.35 29.41
C LYS A 49 2.06 12.24 30.29
N GLU A 50 2.00 11.39 31.31
CA GLU A 50 3.14 11.07 32.12
C GLU A 50 3.87 9.94 31.41
N VAL A 51 5.15 10.12 31.25
CA VAL A 51 6.02 9.16 30.57
C VAL A 51 6.97 8.58 31.62
N LEU A 52 6.74 7.31 31.93
CA LEU A 52 7.63 6.55 32.80
C LEU A 52 8.72 5.99 31.93
N GLN A 53 9.82 5.55 32.53
CA GLN A 53 10.86 4.78 31.79
C GLN A 53 10.30 3.61 31.03
N ARG A 54 9.41 2.83 31.62
CA ARG A 54 8.78 1.70 30.93
C ARG A 54 7.95 2.05 29.72
N ASP A 55 7.34 3.23 29.74
CA ASP A 55 6.65 3.76 28.58
C ASP A 55 7.61 4.11 27.42
N LEU A 56 8.71 4.77 27.75
N LEU A 56 8.71 4.77 27.77
CA LEU A 56 9.73 5.06 26.76
CA LEU A 56 9.78 5.07 26.83
C LEU A 56 10.37 3.76 26.23
C LEU A 56 10.36 3.77 26.24
N GLU A 57 10.62 2.79 27.11
CA GLU A 57 11.08 1.48 26.67
C GLU A 57 10.15 0.83 25.61
N SER A 58 8.83 0.90 25.85
CA SER A 58 7.86 0.32 24.91
C SER A 58 7.75 1.08 23.58
N GLU A 59 7.90 2.40 23.64
CA GLU A 59 7.74 3.24 22.50
C GLU A 59 8.95 3.12 21.58
N PHE A 60 10.17 3.00 22.15
CA PHE A 60 11.38 2.83 21.36
C PHE A 60 11.87 1.39 21.25
N SER A 61 11.15 0.49 21.87
CA SER A 61 11.49 -0.91 21.87
C SER A 61 12.89 -1.17 22.27
N ILE A 62 13.28 -0.58 23.40
CA ILE A 62 14.59 -0.77 23.93
C ILE A 62 14.56 -1.50 25.29
N LYS A 63 15.59 -2.28 25.52
CA LYS A 63 15.83 -2.98 26.80
C LYS A 63 15.88 -2.03 27.99
N SER A 64 15.43 -2.51 29.14
CA SER A 64 15.48 -1.77 30.37
C SER A 64 16.89 -1.22 30.68
N SER A 65 17.91 -2.07 30.53
CA SER A 65 19.29 -1.64 30.79
C SER A 65 19.76 -0.51 29.89
N THR A 66 19.49 -0.63 28.58
CA THR A 66 19.69 0.42 27.57
C THR A 66 19.01 1.73 27.91
N ALA A 67 17.74 1.66 28.29
CA ALA A 67 17.01 2.82 28.74
C ALA A 67 17.61 3.48 29.99
N THR A 68 17.95 2.67 30.98
CA THR A 68 18.55 3.20 32.23
C THR A 68 19.78 4.05 31.93
N VAL A 69 20.67 3.48 31.15
CA VAL A 69 21.89 4.11 30.83
C VAL A 69 21.63 5.39 30.07
N LEU A 70 20.75 5.35 29.06
N LEU A 70 20.77 5.34 29.05
CA LEU A 70 20.41 6.51 28.26
CA LEU A 70 20.36 6.52 28.27
C LEU A 70 19.83 7.66 29.09
C LEU A 70 19.87 7.66 29.13
N LEU A 71 18.91 7.34 29.98
CA LEU A 71 18.26 8.33 30.80
C LEU A 71 19.19 8.85 31.88
N GLN A 72 20.00 7.98 32.46
CA GLN A 72 21.02 8.42 33.41
C GLN A 72 21.96 9.45 32.76
N ARG A 73 22.43 9.18 31.55
N ARG A 73 22.43 9.18 31.55
CA ARG A 73 23.33 10.12 30.87
CA ARG A 73 23.29 10.15 30.91
C ARG A 73 22.64 11.45 30.53
C ARG A 73 22.59 11.48 30.74
N MSE A 74 21.34 11.42 30.28
CA MSE A 74 20.59 12.61 30.00
C MSE A 74 20.37 13.50 31.21
O MSE A 74 20.43 14.75 31.15
CB MSE A 74 19.24 12.24 29.30
CG MSE A 74 19.50 11.77 27.85
SE MSE A 74 17.86 11.32 26.91
CE MSE A 74 17.32 13.25 26.64
N GLU A 75 20.21 12.85 32.32
CA GLU A 75 20.03 13.50 33.59
C GLU A 75 21.36 14.12 34.06
N ILE A 76 22.47 13.45 33.81
CA ILE A 76 23.82 14.01 34.08
C ILE A 76 24.01 15.26 33.20
N LYS A 77 23.49 15.23 31.96
CA LYS A 77 23.59 16.39 31.07
C LYS A 77 22.57 17.49 31.37
N LYS A 78 21.78 17.33 32.43
CA LYS A 78 20.78 18.31 32.86
C LYS A 78 19.68 18.55 31.78
N LEU A 79 19.27 17.48 31.10
CA LEU A 79 18.28 17.53 30.04
C LEU A 79 16.90 17.09 30.51
N LEU A 80 16.90 16.16 31.45
N LEU A 80 16.92 16.34 31.60
CA LEU A 80 15.70 15.63 32.06
CA LEU A 80 15.85 15.52 32.04
C LEU A 80 15.87 15.64 33.56
C LEU A 80 15.90 15.50 33.59
N TYR A 81 14.74 15.56 34.24
CA TYR A 81 14.69 15.22 35.65
C TYR A 81 13.50 14.31 35.88
N ARG A 82 13.37 13.82 37.10
N ARG A 82 13.42 13.78 37.08
CA ARG A 82 12.35 12.84 37.39
CA ARG A 82 12.37 12.86 37.44
C ARG A 82 11.54 13.21 38.62
C ARG A 82 11.48 13.44 38.53
N LYS A 83 10.22 13.04 38.51
CA LYS A 83 9.33 13.27 39.64
C LYS A 83 8.26 12.17 39.80
N VAL A 84 7.75 12.03 41.02
CA VAL A 84 6.77 10.98 41.33
C VAL A 84 5.57 11.13 40.39
N SER A 85 5.13 10.02 39.81
CA SER A 85 4.05 10.07 38.86
C SER A 85 2.74 9.99 39.63
N GLY A 86 1.68 10.52 39.02
CA GLY A 86 0.30 10.34 39.46
C GLY A 86 -0.30 9.02 39.04
N LYS A 87 0.01 8.51 37.84
CA LYS A 87 -0.63 7.27 37.43
C LYS A 87 -0.13 6.04 38.17
N ASP A 88 1.11 6.13 38.66
CA ASP A 88 1.72 5.06 39.40
C ASP A 88 2.74 5.57 40.39
N SER A 89 2.30 5.79 41.61
CA SER A 89 3.11 6.30 42.72
C SER A 89 4.43 5.56 42.97
N ARG A 90 4.54 4.33 42.53
CA ARG A 90 5.81 3.58 42.64
C ARG A 90 6.85 3.95 41.61
N GLN A 91 6.47 4.78 40.64
CA GLN A 91 7.34 5.15 39.53
C GLN A 91 7.45 6.66 39.36
N LYS A 92 8.57 7.11 38.83
CA LYS A 92 8.77 8.52 38.52
C LYS A 92 8.59 8.74 37.03
N CYS A 93 7.97 9.86 36.67
CA CYS A 93 7.90 10.28 35.28
C CYS A 93 9.06 11.22 34.91
N LEU A 94 9.31 11.30 33.62
CA LEU A 94 10.44 11.98 33.04
C LEU A 94 9.97 13.34 32.56
N LYS A 95 10.69 14.38 32.95
N LYS A 95 10.74 14.36 32.92
CA LYS A 95 10.33 15.72 32.54
CA LYS A 95 10.42 15.76 32.71
C LYS A 95 11.52 16.46 32.01
C LYS A 95 11.56 16.46 32.00
N LEU A 96 11.26 17.32 31.02
CA LEU A 96 12.32 18.17 30.42
C LEU A 96 12.74 19.35 31.35
N THR A 97 14.04 19.62 31.42
CA THR A 97 14.56 20.75 32.12
C THR A 97 14.39 22.02 31.30
N LYS A 98 14.68 23.16 31.91
N LYS A 98 14.67 23.15 31.93
CA LYS A 98 14.66 24.43 31.16
CA LYS A 98 14.66 24.43 31.20
C LYS A 98 15.73 24.41 30.08
C LYS A 98 15.73 24.40 30.09
N LYS A 99 16.85 23.76 30.35
CA LYS A 99 17.89 23.57 29.34
C LYS A 99 17.37 22.85 28.08
N ALA A 100 16.67 21.74 28.27
CA ALA A 100 16.08 21.01 27.16
C ALA A 100 14.93 21.81 26.49
N ASN A 101 14.10 22.49 27.27
CA ASN A 101 13.01 23.31 26.71
C ASN A 101 13.51 24.29 25.67
N LYS A 102 14.74 24.80 25.82
CA LYS A 102 15.32 25.76 24.87
C LYS A 102 15.65 25.12 23.52
N LEU A 103 15.67 23.78 23.48
CA LEU A 103 16.01 23.07 22.24
C LEU A 103 14.77 22.51 21.53
N GLU A 104 13.61 22.61 22.14
CA GLU A 104 12.47 21.89 21.63
C GLU A 104 12.04 22.34 20.24
N THR A 105 11.96 23.66 20.00
CA THR A 105 11.51 24.09 18.72
C THR A 105 12.44 23.70 17.59
N ILE A 106 13.74 23.77 17.80
N ILE A 106 13.72 23.77 17.84
CA ILE A 106 14.71 23.42 16.73
CA ILE A 106 14.75 23.44 16.85
C ILE A 106 14.77 21.90 16.48
C ILE A 106 14.73 21.93 16.50
N ILE A 107 14.56 21.10 17.53
CA ILE A 107 14.54 19.64 17.38
C ILE A 107 13.29 19.22 16.67
N LEU A 108 12.14 19.73 17.09
CA LEU A 108 10.89 19.37 16.40
C LEU A 108 10.90 19.71 14.89
N SER A 109 11.40 20.89 14.53
CA SER A 109 11.53 21.31 13.14
C SER A 109 12.48 20.41 12.41
N TYR A 110 13.65 20.13 12.99
CA TYR A 110 14.60 19.25 12.37
C TYR A 110 13.97 17.90 12.05
N MSE A 111 13.27 17.35 13.03
CA MSE A 111 12.68 16.01 12.88
C MSE A 111 11.51 16.04 11.85
O MSE A 111 11.36 15.10 10.99
CB MSE A 111 12.23 15.50 14.29
CG MSE A 111 13.41 15.15 15.23
SE MSE A 111 14.36 13.56 14.53
CE MSE A 111 13.15 12.12 15.18
N ASP A 112 10.68 17.10 11.90
CA ASP A 112 9.59 17.25 10.90
C ASP A 112 10.21 17.29 9.52
N SER A 113 11.30 18.03 9.43
CA SER A 113 11.95 18.28 8.18
C SER A 113 12.68 17.02 7.66
N ASP A 114 13.35 16.30 8.57
CA ASP A 114 13.96 15.06 8.16
C ASP A 114 12.99 14.05 7.58
N GLN A 115 11.86 13.90 8.23
CA GLN A 115 10.84 13.00 7.73
C GLN A 115 10.32 13.43 6.35
N SER A 116 10.10 14.71 6.16
N SER A 116 9.97 14.69 6.24
CA SER A 116 9.68 15.18 4.85
CA SER A 116 9.50 15.28 5.00
C SER A 116 10.73 14.98 3.77
C SER A 116 10.41 14.89 3.87
N GLN A 117 12.03 15.15 4.08
N GLN A 117 11.72 15.10 4.07
CA GLN A 117 13.07 14.83 3.10
CA GLN A 117 12.70 14.83 3.00
C GLN A 117 13.08 13.34 2.77
C GLN A 117 12.93 13.34 2.76
N MSE A 118 12.92 12.50 3.80
CA MSE A 118 12.89 11.06 3.61
C MSE A 118 11.71 10.63 2.72
O MSE A 118 11.86 9.71 1.92
CB MSE A 118 12.76 10.28 4.92
CG MSE A 118 14.00 10.22 5.74
SE MSE A 118 13.96 8.61 6.93
CE MSE A 118 12.16 8.91 7.73
N THR A 119 10.56 11.26 2.85
CA THR A 119 9.37 10.84 2.13
C THR A 119 9.06 11.75 0.96
N SER A 120 10.08 12.44 0.47
CA SER A 120 9.89 13.34 -0.64
C SER A 120 9.25 12.63 -1.84
N GLY A 121 8.18 13.23 -2.36
CA GLY A 121 7.49 12.68 -3.51
C GLY A 121 6.40 11.67 -3.18
N LEU A 122 6.37 11.17 -1.94
CA LEU A 122 5.33 10.24 -1.52
C LEU A 122 4.06 10.94 -1.08
N ASN A 123 2.96 10.33 -1.43
CA ASN A 123 1.67 10.73 -0.95
C ASN A 123 1.51 10.25 0.47
N LYS A 124 0.65 10.94 1.22
CA LYS A 124 0.33 10.61 2.58
C LYS A 124 0.02 9.13 2.83
N GLU A 125 -0.79 8.57 1.95
CA GLU A 125 -1.24 7.19 2.11
C GLU A 125 -0.07 6.20 1.95
N GLU A 126 0.92 6.55 1.12
CA GLU A 126 2.11 5.71 0.93
C GLU A 126 2.95 5.69 2.19
N VAL A 127 3.08 6.84 2.83
CA VAL A 127 3.80 6.92 4.12
C VAL A 127 3.10 6.08 5.22
N VAL A 128 1.76 6.18 5.31
CA VAL A 128 1.03 5.38 6.27
C VAL A 128 1.22 3.88 5.97
N PHE A 129 1.13 3.48 4.70
CA PHE A 129 1.27 2.07 4.31
C PHE A 129 2.66 1.55 4.76
N LEU A 130 3.70 2.34 4.50
CA LEU A 130 5.08 2.04 4.94
C LEU A 130 5.24 1.83 6.46
N GLU A 131 4.64 2.71 7.27
CA GLU A 131 4.63 2.57 8.70
C GLU A 131 3.99 1.28 9.11
N LYS A 132 2.85 0.93 8.50
CA LYS A 132 2.18 -0.28 8.85
C LYS A 132 2.99 -1.53 8.46
N ILE A 133 3.64 -1.49 7.30
CA ILE A 133 4.46 -2.59 6.85
C ILE A 133 5.59 -2.82 7.86
N LEU A 134 6.24 -1.76 8.25
CA LEU A 134 7.32 -1.83 9.28
C LEU A 134 6.83 -2.36 10.61
N LYS A 135 5.65 -1.94 11.10
CA LYS A 135 5.08 -2.52 12.34
C LYS A 135 4.90 -3.97 12.28
N ARG A 136 4.37 -4.46 11.15
CA ARG A 136 4.15 -5.88 10.94
C ARG A 136 5.46 -6.69 10.92
N MSE A 137 6.48 -6.16 10.28
CA MSE A 137 7.80 -6.78 10.32
C MSE A 137 8.34 -6.92 11.76
O MSE A 137 8.86 -7.96 12.13
CB MSE A 137 8.79 -5.96 9.49
CG MSE A 137 8.55 -6.12 8.01
SE MSE A 137 9.88 -5.06 6.96
CE MSE A 137 11.42 -6.02 7.48
N ILE A 138 8.19 -5.88 12.54
CA ILE A 138 8.68 -5.84 13.91
C ILE A 138 8.03 -6.99 14.71
N GLU A 139 6.79 -7.34 14.41
CA GLU A 139 6.10 -8.40 15.12
C GLU A 139 6.37 -9.81 14.62
N SER A 140 7.03 -10.00 13.49
CA SER A 140 7.37 -11.34 12.96
C SER A 140 8.26 -12.17 13.90
N ASN B 2 -0.54 14.69 17.58
CA ASN B 2 0.48 15.46 16.79
C ASN B 2 0.24 15.35 15.27
N ALA B 3 0.51 16.45 14.55
CA ALA B 3 0.25 16.55 13.08
C ALA B 3 1.03 15.49 12.32
N MSE B 4 2.32 15.47 12.64
N MSE B 4 2.30 15.33 12.67
CA MSE B 4 3.31 14.53 12.11
CA MSE B 4 3.18 14.49 11.89
C MSE B 4 3.30 13.25 12.93
C MSE B 4 3.68 13.31 12.73
O MSE B 4 3.14 13.31 14.14
O MSE B 4 4.33 13.50 13.76
CB MSE B 4 4.70 15.16 12.25
CB MSE B 4 4.31 15.35 11.34
CG MSE B 4 5.07 16.18 11.20
CG MSE B 4 3.91 16.83 10.97
SE MSE B 4 6.40 15.39 10.03
SE MSE B 4 5.10 17.86 9.72
CE MSE B 4 6.69 16.82 8.72
CE MSE B 4 4.46 19.64 10.12
N SER B 5 3.40 12.09 12.29
CA SER B 5 3.78 10.87 13.02
C SER B 5 5.28 10.66 12.91
N ARG B 6 5.93 10.27 14.01
CA ARG B 6 7.31 9.84 13.94
C ARG B 6 7.48 8.37 13.54
N ASP B 7 6.40 7.66 13.22
CA ASP B 7 6.48 6.20 13.13
C ASP B 7 7.45 5.71 12.05
N LEU B 8 7.51 6.35 10.90
CA LEU B 8 8.36 5.83 9.86
C LEU B 8 9.81 5.75 10.35
N GLY B 9 10.39 6.84 10.83
CA GLY B 9 11.79 6.80 11.34
C GLY B 9 11.99 5.93 12.58
N ARG B 10 11.07 6.03 13.53
CA ARG B 10 11.15 5.33 14.82
C ARG B 10 11.08 3.85 14.54
N LEU B 11 10.14 3.44 13.70
CA LEU B 11 10.00 2.01 13.36
C LEU B 11 11.06 1.47 12.40
N LEU B 12 11.59 2.29 11.51
CA LEU B 12 12.72 1.86 10.70
C LEU B 12 13.95 1.50 11.58
N LYS B 13 14.25 2.33 12.59
CA LYS B 13 15.34 2.09 13.49
C LYS B 13 15.04 0.80 14.31
N ILE B 14 13.82 0.66 14.83
CA ILE B 14 13.51 -0.56 15.62
C ILE B 14 13.68 -1.79 14.72
N ALA B 15 13.13 -1.76 13.48
CA ALA B 15 13.15 -2.93 12.61
C ALA B 15 14.56 -3.33 12.28
N SER B 16 15.37 -2.33 11.98
CA SER B 16 16.76 -2.56 11.56
C SER B 16 17.61 -3.08 12.71
N ASN B 17 17.44 -2.48 13.88
CA ASN B 17 18.13 -2.95 15.08
C ASN B 17 17.68 -4.36 15.51
N GLN B 18 16.41 -4.72 15.33
N GLN B 18 16.40 -4.72 15.33
CA GLN B 18 15.93 -6.08 15.61
CA GLN B 18 15.94 -6.09 15.63
C GLN B 18 16.60 -7.09 14.68
C GLN B 18 16.65 -7.08 14.69
N MSE B 19 16.66 -6.76 13.41
CA MSE B 19 17.29 -7.61 12.42
C MSE B 19 18.79 -7.80 12.70
O MSE B 19 19.29 -8.92 12.65
CB MSE B 19 17.11 -7.04 11.02
CG MSE B 19 17.88 -7.86 9.98
SE MSE B 19 17.51 -7.26 8.20
CE MSE B 19 18.15 -5.41 8.38
N SER B 20 19.49 -6.70 12.98
N SER B 20 19.49 -6.70 12.98
CA SER B 20 20.93 -6.79 13.27
CA SER B 20 20.91 -6.78 13.32
C SER B 20 21.20 -7.54 14.60
C SER B 20 21.16 -7.60 14.57
N THR B 21 20.30 -7.44 15.57
CA THR B 21 20.38 -8.25 16.79
C THR B 21 20.26 -9.75 16.50
N ARG B 22 19.21 -10.13 15.78
N ARG B 22 19.22 -10.14 15.77
CA ARG B 22 19.00 -11.52 15.35
CA ARG B 22 19.03 -11.54 15.39
C ARG B 22 20.23 -12.06 14.61
C ARG B 22 20.17 -12.09 14.54
N PHE B 23 20.82 -11.22 13.77
CA PHE B 23 21.96 -11.62 12.95
C PHE B 23 23.15 -11.92 13.82
N ASP B 24 23.36 -11.09 14.85
CA ASP B 24 24.51 -11.29 15.72
C ASP B 24 24.35 -12.57 16.54
N ILE B 25 23.15 -12.77 17.08
CA ILE B 25 22.78 -14.01 17.78
C ILE B 25 23.11 -15.26 16.93
N PHE B 26 22.61 -15.30 15.69
CA PHE B 26 22.88 -16.42 14.78
C PHE B 26 24.36 -16.54 14.37
N ALA B 27 25.02 -15.40 14.19
CA ALA B 27 26.41 -15.40 13.74
C ALA B 27 27.43 -15.76 14.84
N LYS B 28 27.20 -15.32 16.07
N LYS B 28 27.19 -15.33 16.07
CA LYS B 28 28.12 -15.61 17.19
CA LYS B 28 28.11 -15.60 17.20
C LYS B 28 28.25 -17.11 17.47
C LYS B 28 28.24 -17.10 17.49
N LYS B 29 27.28 -17.89 17.00
CA LYS B 29 27.31 -19.35 17.07
C LYS B 29 28.35 -19.99 16.13
N TYR B 30 28.84 -19.20 15.16
CA TYR B 30 29.92 -19.62 14.27
C TYR B 30 31.05 -18.61 14.31
N ASP B 31 31.33 -18.08 15.49
CA ASP B 31 32.44 -17.14 15.73
C ASP B 31 32.52 -16.07 14.65
N LEU B 32 31.43 -15.32 14.48
CA LEU B 32 31.29 -14.29 13.43
C LEU B 32 30.35 -13.17 13.91
N THR B 33 30.66 -11.91 13.59
CA THR B 33 29.64 -10.85 13.73
C THR B 33 28.55 -11.03 12.68
N GLY B 34 27.43 -10.36 12.93
CA GLY B 34 26.34 -10.34 12.00
C GLY B 34 26.79 -9.78 10.68
N THR B 35 27.59 -8.71 10.72
CA THR B 35 28.03 -8.05 9.48
C THR B 35 28.93 -8.99 8.70
N GLN B 36 29.94 -9.57 9.36
CA GLN B 36 30.81 -10.54 8.68
C GLN B 36 29.97 -11.65 8.03
N MSE B 37 29.04 -12.19 8.78
CA MSE B 37 28.12 -13.18 8.25
C MSE B 37 27.40 -12.71 6.97
O MSE B 37 27.28 -13.48 6.00
CB MSE B 37 27.10 -13.58 9.35
CG MSE B 37 26.10 -14.68 8.97
SE MSE B 37 24.45 -14.04 8.10
CE MSE B 37 23.73 -12.99 9.62
N THR B 38 26.93 -11.45 6.95
CA THR B 38 26.34 -10.87 5.72
C THR B 38 27.35 -10.76 4.55
N ILE B 39 28.62 -10.57 4.87
CA ILE B 39 29.66 -10.50 3.84
C ILE B 39 29.89 -11.89 3.16
N ILE B 40 30.01 -12.91 4.01
CA ILE B 40 30.11 -14.29 3.54
C ILE B 40 28.91 -14.64 2.62
N ASP B 41 27.70 -14.27 3.07
CA ASP B 41 26.49 -14.50 2.27
C ASP B 41 26.62 -13.86 0.89
N TYR B 42 27.06 -12.61 0.88
CA TYR B 42 27.20 -11.84 -0.35
C TYR B 42 28.17 -12.52 -1.31
N LEU B 43 29.36 -12.87 -0.82
CA LEU B 43 30.43 -13.41 -1.70
C LEU B 43 30.08 -14.79 -2.30
N SER B 44 29.36 -15.61 -1.54
CA SER B 44 28.91 -16.92 -2.00
C SER B 44 27.93 -16.90 -3.17
N ARG B 45 27.01 -15.93 -3.15
CA ARG B 45 26.05 -15.71 -4.24
C ARG B 45 26.71 -15.07 -5.47
N ASN B 46 27.91 -14.52 -5.30
CA ASN B 46 28.63 -13.81 -6.36
C ASN B 46 30.00 -14.46 -6.74
N LYS B 47 30.12 -15.78 -6.56
CA LYS B 47 31.34 -16.54 -6.92
C LYS B 47 31.64 -16.57 -8.42
N ASN B 48 30.60 -16.42 -9.23
CA ASN B 48 30.71 -16.45 -10.70
C ASN B 48 31.58 -15.34 -11.24
N LYS B 49 31.57 -14.19 -10.56
CA LYS B 49 32.31 -13.02 -11.03
C LYS B 49 33.21 -12.43 -9.96
N GLU B 50 33.98 -11.42 -10.36
CA GLU B 50 34.96 -10.78 -9.49
C GLU B 50 34.34 -9.67 -8.67
N VAL B 51 34.34 -9.88 -7.35
CA VAL B 51 33.91 -8.89 -6.40
C VAL B 51 35.14 -8.12 -5.92
N LEU B 52 35.31 -6.88 -6.37
CA LEU B 52 36.29 -5.99 -5.76
C LEU B 52 35.72 -5.40 -4.46
N GLN B 53 36.59 -4.82 -3.64
CA GLN B 53 36.14 -4.12 -2.44
C GLN B 53 35.16 -3.00 -2.79
N ARG B 54 35.41 -2.30 -3.89
CA ARG B 54 34.52 -1.24 -4.36
C ARG B 54 33.09 -1.73 -4.69
N ASP B 55 32.98 -2.97 -5.16
CA ASP B 55 31.69 -3.61 -5.41
C ASP B 55 30.94 -3.89 -4.12
N LEU B 56 31.69 -4.27 -3.08
CA LEU B 56 31.13 -4.48 -1.74
C LEU B 56 30.68 -3.15 -1.16
N GLU B 57 31.50 -2.11 -1.34
CA GLU B 57 31.20 -0.77 -0.83
C GLU B 57 29.89 -0.23 -1.37
N SER B 58 29.70 -0.42 -2.68
CA SER B 58 28.50 0.00 -3.40
C SER B 58 27.29 -0.76 -2.88
N GLU B 59 27.41 -2.08 -2.79
CA GLU B 59 26.33 -2.97 -2.35
C GLU B 59 25.84 -2.79 -0.88
N PHE B 60 26.76 -2.46 0.03
CA PHE B 60 26.41 -2.28 1.44
C PHE B 60 26.35 -0.83 1.85
N SER B 61 26.61 0.03 0.87
CA SER B 61 26.62 1.48 1.02
C SER B 61 27.47 1.88 2.23
N ILE B 62 28.72 1.41 2.22
CA ILE B 62 29.69 1.73 3.28
C ILE B 62 30.89 2.40 2.67
N LYS B 63 31.57 3.19 3.50
CA LYS B 63 32.78 3.93 3.10
C LYS B 63 33.98 3.02 2.94
N SER B 64 34.96 3.49 2.19
CA SER B 64 36.24 2.79 2.02
C SER B 64 36.91 2.43 3.35
N SER B 65 37.02 3.43 4.22
CA SER B 65 37.58 3.25 5.57
C SER B 65 36.90 2.12 6.35
N THR B 66 35.57 2.08 6.27
CA THR B 66 34.76 1.09 6.98
C THR B 66 34.95 -0.30 6.38
N ALA B 67 34.88 -0.39 5.05
CA ALA B 67 35.08 -1.65 4.33
C ALA B 67 36.52 -2.18 4.53
N THR B 68 37.48 -1.25 4.39
CA THR B 68 38.90 -1.55 4.64
C THR B 68 39.06 -2.34 5.95
N VAL B 69 38.63 -1.71 7.04
CA VAL B 69 38.79 -2.25 8.39
C VAL B 69 38.00 -3.57 8.62
N LEU B 70 36.81 -3.68 8.03
CA LEU B 70 36.01 -4.92 8.10
C LEU B 70 36.68 -6.10 7.38
N LEU B 71 37.17 -5.86 6.17
CA LEU B 71 37.82 -6.91 5.38
C LEU B 71 39.15 -7.36 6.01
N GLN B 72 39.89 -6.41 6.60
CA GLN B 72 41.13 -6.71 7.32
C GLN B 72 40.90 -7.80 8.35
N ARG B 73 39.86 -7.61 9.17
CA ARG B 73 39.58 -8.52 10.27
C ARG B 73 39.23 -9.94 9.82
N MSE B 74 38.39 -10.02 8.78
CA MSE B 74 37.96 -11.31 8.23
C MSE B 74 39.14 -12.07 7.61
O MSE B 74 39.14 -13.30 7.62
CB MSE B 74 36.84 -11.13 7.20
CG MSE B 74 35.55 -10.53 7.77
SE MSE B 74 34.10 -10.16 6.43
CE MSE B 74 33.75 -12.00 5.74
N GLU B 75 40.12 -11.33 7.09
CA GLU B 75 41.33 -11.97 6.54
C GLU B 75 42.15 -12.53 7.70
N ILE B 76 42.41 -11.69 8.71
CA ILE B 76 42.99 -12.09 9.99
C ILE B 76 42.29 -13.32 10.62
N LYS B 77 40.97 -13.36 10.51
CA LYS B 77 40.16 -14.51 10.93
C LYS B 77 40.17 -15.67 9.92
N LYS B 78 40.90 -15.53 8.82
CA LYS B 78 41.06 -16.59 7.81
C LYS B 78 39.76 -16.98 7.09
N LEU B 79 38.87 -15.99 6.92
CA LEU B 79 37.55 -16.18 6.29
C LEU B 79 37.57 -15.79 4.81
N LEU B 80 38.43 -14.84 4.46
CA LEU B 80 38.63 -14.42 3.10
C LEU B 80 40.10 -14.18 2.81
N TYR B 81 40.40 -13.93 1.54
CA TYR B 81 41.69 -13.41 1.14
C TYR B 81 41.48 -12.52 -0.09
N ARG B 82 42.54 -11.79 -0.44
CA ARG B 82 42.57 -10.95 -1.62
C ARG B 82 43.34 -11.70 -2.72
N LYS B 83 42.79 -11.69 -3.93
CA LYS B 83 43.36 -12.38 -5.08
C LYS B 83 43.40 -11.43 -6.30
N VAL B 84 44.46 -11.53 -7.10
CA VAL B 84 44.62 -10.70 -8.30
C VAL B 84 43.44 -10.88 -9.28
N SER B 85 42.90 -9.78 -9.80
CA SER B 85 41.72 -9.85 -10.68
C SER B 85 42.10 -9.65 -12.16
N GLY B 86 41.29 -10.22 -13.05
CA GLY B 86 41.44 -10.07 -14.51
C GLY B 86 40.61 -8.94 -15.11
N LYS B 87 39.49 -8.58 -14.46
CA LYS B 87 38.67 -7.40 -14.82
C LYS B 87 39.55 -6.14 -14.67
N ASP B 88 39.74 -5.72 -13.42
CA ASP B 88 40.64 -4.62 -13.08
C ASP B 88 42.05 -5.17 -12.93
N SER B 89 42.87 -4.98 -13.95
CA SER B 89 44.26 -5.47 -13.95
C SER B 89 45.13 -4.99 -12.76
N ARG B 90 44.56 -4.09 -11.95
CA ARG B 90 45.29 -3.41 -10.87
C ARG B 90 44.75 -3.75 -9.48
N GLN B 91 43.43 -3.94 -9.38
CA GLN B 91 42.76 -4.07 -8.09
C GLN B 91 42.58 -5.53 -7.68
N LYS B 92 42.56 -5.76 -6.37
CA LYS B 92 42.41 -7.10 -5.78
C LYS B 92 40.94 -7.45 -5.53
N CYS B 93 40.58 -8.68 -5.87
CA CYS B 93 39.23 -9.19 -5.67
C CYS B 93 39.16 -10.17 -4.49
N LEU B 94 37.97 -10.22 -3.89
CA LEU B 94 37.76 -10.90 -2.62
C LEU B 94 37.31 -12.33 -2.84
N LYS B 95 37.93 -13.26 -2.12
CA LYS B 95 37.62 -14.69 -2.22
C LYS B 95 37.38 -15.29 -0.84
N LEU B 96 36.54 -16.33 -0.77
CA LEU B 96 36.30 -17.09 0.46
C LEU B 96 37.36 -18.21 0.67
N THR B 97 37.86 -18.33 1.90
CA THR B 97 38.71 -19.45 2.28
C THR B 97 37.84 -20.72 2.43
N LYS B 98 38.47 -21.87 2.58
CA LYS B 98 37.78 -23.14 2.79
C LYS B 98 37.05 -23.20 4.14
N LYS B 99 37.57 -22.50 5.14
CA LYS B 99 36.88 -22.30 6.43
C LYS B 99 35.49 -21.64 6.24
N ALA B 100 35.45 -20.54 5.47
CA ALA B 100 34.19 -19.84 5.18
C ALA B 100 33.27 -20.66 4.27
N ASN B 101 33.88 -21.49 3.41
CA ASN B 101 33.14 -22.36 2.48
C ASN B 101 32.24 -23.36 3.20
N LYS B 102 32.67 -23.81 4.37
CA LYS B 102 31.93 -24.80 5.15
C LYS B 102 30.69 -24.20 5.82
N LEU B 103 30.78 -22.89 6.11
CA LEU B 103 29.68 -22.12 6.72
C LEU B 103 28.60 -21.67 5.71
N GLU B 104 28.94 -21.69 4.43
CA GLU B 104 28.04 -21.18 3.36
C GLU B 104 26.63 -21.72 3.39
N THR B 105 26.51 -23.06 3.41
CA THR B 105 25.20 -23.73 3.36
C THR B 105 24.32 -23.35 4.56
N ILE B 106 24.95 -23.26 5.74
CA ILE B 106 24.30 -22.86 6.98
C ILE B 106 23.85 -21.39 6.89
N ILE B 107 24.78 -20.52 6.51
CA ILE B 107 24.54 -19.10 6.38
C ILE B 107 23.45 -18.78 5.35
N LEU B 108 23.59 -19.31 4.14
CA LEU B 108 22.62 -19.07 3.06
C LEU B 108 21.23 -19.63 3.39
N SER B 109 21.21 -20.71 4.15
CA SER B 109 19.98 -21.27 4.67
C SER B 109 19.36 -20.25 5.63
N TYR B 110 20.18 -19.73 6.54
CA TYR B 110 19.73 -18.72 7.49
C TYR B 110 19.27 -17.45 6.78
N MSE B 111 20.08 -16.94 5.86
CA MSE B 111 19.76 -15.70 5.13
C MSE B 111 18.61 -15.89 4.14
O MSE B 111 18.20 -14.94 3.45
CB MSE B 111 20.99 -15.16 4.43
CG MSE B 111 22.06 -14.72 5.38
SE MSE B 111 21.49 -13.14 6.38
CE MSE B 111 22.05 -11.79 5.06
N ASP B 112 18.09 -17.11 4.04
CA ASP B 112 16.78 -17.34 3.46
C ASP B 112 15.74 -17.74 4.54
N SER B 113 16.19 -18.05 5.76
CA SER B 113 15.30 -18.30 6.88
C SER B 113 14.91 -16.97 7.50
N ASP B 114 15.90 -16.10 7.71
CA ASP B 114 15.73 -14.83 8.44
C ASP B 114 14.87 -13.77 7.74
N GLN B 115 15.26 -13.40 6.53
CA GLN B 115 14.53 -12.37 5.79
C GLN B 115 13.15 -12.98 5.48
N SER B 116 13.13 -14.28 5.14
CA SER B 116 11.84 -15.02 5.06
C SER B 116 11.04 -14.91 6.35
N GLN B 117 11.73 -15.10 7.47
CA GLN B 117 11.16 -14.91 8.82
C GLN B 117 10.61 -13.49 9.02
N MSE B 118 11.46 -12.47 8.84
N MSE B 118 11.47 -12.50 8.77
N MSE B 118 11.45 -12.49 8.80
CA MSE B 118 11.06 -11.08 9.16
CA MSE B 118 11.21 -11.08 8.98
CA MSE B 118 11.09 -11.10 9.11
C MSE B 118 10.13 -10.44 8.10
C MSE B 118 10.08 -10.54 8.12
C MSE B 118 10.09 -10.49 8.11
O MSE B 118 9.56 -9.39 8.36
O MSE B 118 9.35 -9.64 8.55
O MSE B 118 9.43 -9.50 8.44
CB MSE B 118 12.30 -10.18 9.51
CB MSE B 118 12.47 -10.29 8.68
CB MSE B 118 12.37 -10.26 9.33
CG MSE B 118 12.01 -9.06 10.59
CG MSE B 118 12.42 -8.84 9.16
CG MSE B 118 12.48 -8.95 8.59
SE MSE B 118 13.44 -8.16 11.74
SE MSE B 118 14.06 -7.89 8.72
SE MSE B 118 12.95 -9.28 6.72
CE MSE B 118 12.51 -6.50 11.96
CE MSE B 118 14.04 -8.02 6.78
CE MSE B 118 14.23 -7.84 6.50
N THR B 119 9.95 -11.08 6.93
CA THR B 119 8.90 -10.66 5.95
C THR B 119 7.77 -11.64 5.87
N SER B 120 7.73 -12.60 6.76
CA SER B 120 6.80 -13.71 6.67
C SER B 120 5.34 -13.28 6.78
N GLY B 121 5.07 -12.25 7.57
CA GLY B 121 3.69 -11.74 7.71
C GLY B 121 3.25 -10.83 6.57
N LEU B 122 4.19 -10.48 5.69
CA LEU B 122 3.93 -9.49 4.67
C LEU B 122 3.47 -10.17 3.40
N ASN B 123 2.59 -9.51 2.65
CA ASN B 123 2.38 -9.94 1.27
C ASN B 123 3.49 -9.46 0.33
N LYS B 124 3.64 -10.24 -0.74
N LYS B 124 3.70 -10.23 -0.74
CA LYS B 124 4.66 -10.02 -1.75
CA LYS B 124 4.78 -9.94 -1.67
C LYS B 124 4.71 -8.58 -2.22
C LYS B 124 4.67 -8.52 -2.26
N GLU B 125 3.56 -8.04 -2.63
N GLU B 125 3.44 -8.08 -2.50
CA GLU B 125 3.53 -6.67 -3.13
CA GLU B 125 3.22 -6.73 -3.01
C GLU B 125 3.81 -5.61 -2.05
C GLU B 125 3.75 -5.67 -2.06
N GLU B 126 3.72 -5.99 -0.77
CA GLU B 126 4.14 -5.09 0.30
C GLU B 126 5.64 -5.03 0.35
N VAL B 127 6.25 -6.19 0.27
CA VAL B 127 7.72 -6.29 0.26
C VAL B 127 8.27 -5.50 -0.94
N VAL B 128 7.66 -5.68 -2.11
CA VAL B 128 8.02 -4.97 -3.33
C VAL B 128 7.90 -3.46 -3.16
N PHE B 129 6.78 -3.00 -2.62
CA PHE B 129 6.56 -1.59 -2.36
C PHE B 129 7.68 -1.00 -1.45
N LEU B 130 7.93 -1.65 -0.34
CA LEU B 130 8.91 -1.18 0.64
C LEU B 130 10.35 -1.13 0.05
N GLU B 131 10.71 -2.18 -0.67
CA GLU B 131 12.02 -2.28 -1.35
C GLU B 131 12.20 -1.09 -2.30
N LYS B 132 11.18 -0.77 -3.08
CA LYS B 132 11.24 0.37 -4.01
C LYS B 132 11.43 1.70 -3.30
N ILE B 133 10.70 1.93 -2.21
CA ILE B 133 10.83 3.20 -1.49
C ILE B 133 12.14 3.30 -0.73
N LEU B 134 12.62 2.19 -0.17
CA LEU B 134 13.88 2.26 0.56
C LEU B 134 15.04 2.59 -0.42
N LYS B 135 15.01 2.02 -1.63
N LYS B 135 14.99 2.05 -1.64
CA LYS B 135 16.05 2.24 -2.63
CA LYS B 135 16.04 2.21 -2.62
C LYS B 135 16.15 3.73 -2.91
C LYS B 135 16.16 3.69 -2.99
N ARG B 136 15.01 4.38 -3.11
CA ARG B 136 14.98 5.80 -3.39
C ARG B 136 15.47 6.63 -2.22
N MSE B 137 15.01 6.27 -1.02
CA MSE B 137 15.41 6.96 0.21
C MSE B 137 16.94 6.94 0.39
O MSE B 137 17.54 7.93 0.74
CB MSE B 137 14.75 6.31 1.41
CG MSE B 137 13.25 6.56 1.61
SE MSE B 137 12.61 5.69 3.27
CE MSE B 137 14.26 6.02 4.33
N ILE B 138 17.55 5.79 0.11
CA ILE B 138 18.97 5.60 0.22
C ILE B 138 19.79 6.41 -0.83
N GLU B 139 19.28 6.50 -2.07
CA GLU B 139 19.95 7.23 -3.17
C GLU B 139 20.08 8.71 -2.88
N SER B 140 18.98 9.30 -2.43
CA SER B 140 18.83 10.75 -2.37
C SER B 140 19.21 11.34 -0.99
N ASP B 141 19.89 10.53 -0.16
CA ASP B 141 20.45 10.99 1.14
C ASP B 141 21.58 12.01 0.95
N ASP C 7 -15.56 0.43 2.50
CA ASP C 7 -15.19 1.57 1.65
C ASP C 7 -14.64 0.99 0.36
N LEU C 8 -14.00 -0.17 0.38
CA LEU C 8 -13.29 -0.60 -0.83
C LEU C 8 -14.26 -0.91 -1.97
N GLY C 9 -15.29 -1.67 -1.69
CA GLY C 9 -16.23 -2.00 -2.78
C GLY C 9 -17.10 -0.84 -3.18
N ARG C 10 -17.40 0.04 -2.25
CA ARG C 10 -18.14 1.26 -2.58
C ARG C 10 -17.33 2.14 -3.53
N LEU C 11 -16.05 2.30 -3.23
CA LEU C 11 -15.15 3.14 -4.00
C LEU C 11 -14.79 2.58 -5.32
N LEU C 12 -14.67 1.26 -5.36
N LEU C 12 -14.69 1.25 -5.39
CA LEU C 12 -14.49 0.57 -6.63
CA LEU C 12 -14.47 0.58 -6.67
C LEU C 12 -15.62 0.85 -7.63
C LEU C 12 -15.62 0.86 -7.64
N LYS C 13 -16.84 0.80 -7.13
CA LYS C 13 -18.01 1.03 -7.96
C LYS C 13 -18.07 2.54 -8.43
N ILE C 14 -17.78 3.47 -7.53
CA ILE C 14 -17.77 4.90 -7.87
C ILE C 14 -16.74 5.14 -8.99
N ALA C 15 -15.51 4.67 -8.80
CA ALA C 15 -14.42 4.91 -9.73
C ALA C 15 -14.67 4.30 -11.09
N SER C 16 -15.10 3.04 -11.11
CA SER C 16 -15.49 2.40 -12.37
C SER C 16 -16.67 3.09 -13.10
N ASN C 17 -17.71 3.46 -12.36
CA ASN C 17 -18.87 4.15 -12.90
C ASN C 17 -18.49 5.55 -13.47
N GLN C 18 -17.63 6.29 -12.78
N GLN C 18 -17.65 6.29 -12.75
CA GLN C 18 -17.18 7.60 -13.29
CA GLN C 18 -17.09 7.58 -13.24
C GLN C 18 -16.26 7.48 -14.53
C GLN C 18 -16.39 7.37 -14.58
N MSE C 19 -15.43 6.45 -14.60
CA MSE C 19 -14.72 6.12 -15.85
C MSE C 19 -15.62 5.71 -17.01
O MSE C 19 -15.40 6.16 -18.13
CB MSE C 19 -13.68 5.03 -15.61
CG MSE C 19 -12.93 4.64 -16.84
SE MSE C 19 -11.76 3.16 -16.48
CE MSE C 19 -13.04 1.66 -16.06
N SER C 20 -16.64 4.88 -16.75
N SER C 20 -16.64 4.88 -16.77
CA SER C 20 -17.52 4.42 -17.82
CA SER C 20 -17.50 4.43 -17.86
C SER C 20 -18.44 5.54 -18.34
C SER C 20 -18.48 5.53 -18.34
N THR C 21 -18.84 6.44 -17.45
CA THR C 21 -19.61 7.62 -17.81
C THR C 21 -18.77 8.54 -18.71
N ARG C 22 -17.52 8.76 -18.32
N ARG C 22 -17.52 8.76 -18.33
CA ARG C 22 -16.59 9.58 -19.09
CA ARG C 22 -16.63 9.60 -19.13
C ARG C 22 -16.41 8.99 -20.48
C ARG C 22 -16.45 8.98 -20.51
N PHE C 23 -16.23 7.66 -20.55
CA PHE C 23 -16.09 6.93 -21.84
C PHE C 23 -17.33 7.02 -22.73
N ASP C 24 -18.51 7.05 -22.11
CA ASP C 24 -19.76 7.06 -22.85
C ASP C 24 -20.02 8.44 -23.46
N ILE C 25 -19.63 9.49 -22.74
CA ILE C 25 -19.76 10.87 -23.23
C ILE C 25 -18.80 11.11 -24.39
N PHE C 26 -17.53 10.74 -24.22
CA PHE C 26 -16.56 10.86 -25.30
C PHE C 26 -16.84 9.95 -26.51
N ALA C 27 -17.35 8.75 -26.26
CA ALA C 27 -17.66 7.81 -27.34
C ALA C 27 -18.81 8.34 -28.18
N LYS C 28 -19.79 8.97 -27.52
CA LYS C 28 -20.95 9.56 -28.20
C LYS C 28 -20.58 10.49 -29.36
N LYS C 29 -19.50 11.26 -29.17
CA LYS C 29 -18.92 12.15 -30.19
C LYS C 29 -18.63 11.46 -31.54
N TYR C 30 -18.48 10.14 -31.51
CA TYR C 30 -18.22 9.35 -32.72
C TYR C 30 -19.26 8.23 -32.91
N ASP C 31 -20.50 8.50 -32.51
CA ASP C 31 -21.60 7.54 -32.64
C ASP C 31 -21.23 6.16 -32.07
N LEU C 32 -20.69 6.18 -30.86
CA LEU C 32 -20.24 4.95 -30.20
C LEU C 32 -20.64 4.98 -28.73
N THR C 33 -20.63 3.77 -28.14
CA THR C 33 -20.67 3.56 -26.70
C THR C 33 -19.25 3.42 -26.26
N GLY C 34 -19.01 3.65 -24.97
CA GLY C 34 -17.70 3.45 -24.39
C GLY C 34 -17.18 2.05 -24.57
N THR C 35 -18.08 1.05 -24.46
CA THR C 35 -17.69 -0.36 -24.59
C THR C 35 -17.19 -0.65 -26.02
N GLN C 36 -18.01 -0.30 -27.00
CA GLN C 36 -17.64 -0.39 -28.44
C GLN C 36 -16.26 0.22 -28.67
N MSE C 37 -16.06 1.39 -28.11
CA MSE C 37 -14.77 2.04 -28.19
C MSE C 37 -13.58 1.21 -27.63
O MSE C 37 -12.49 1.16 -28.26
CB MSE C 37 -14.87 3.40 -27.50
CG MSE C 37 -13.62 4.18 -27.61
SE MSE C 37 -13.85 6.01 -27.13
CE MSE C 37 -13.97 5.56 -25.19
N THR C 38 -13.79 0.52 -26.49
CA THR C 38 -12.74 -0.32 -25.88
C THR C 38 -12.44 -1.52 -26.77
N ILE C 39 -13.45 -2.02 -27.44
CA ILE C 39 -13.27 -3.13 -28.36
C ILE C 39 -12.47 -2.73 -29.59
N ILE C 40 -12.78 -1.61 -30.20
CA ILE C 40 -11.95 -1.08 -31.30
C ILE C 40 -10.49 -0.93 -30.87
N ASP C 41 -10.28 -0.35 -29.69
CA ASP C 41 -8.92 -0.19 -29.14
C ASP C 41 -8.21 -1.53 -29.08
N TYR C 42 -8.90 -2.52 -28.53
CA TYR C 42 -8.31 -3.84 -28.35
C TYR C 42 -7.94 -4.52 -29.70
N LEU C 43 -8.83 -4.42 -30.68
CA LEU C 43 -8.61 -5.06 -31.99
C LEU C 43 -7.51 -4.35 -32.74
N SER C 44 -7.50 -3.02 -32.71
CA SER C 44 -6.42 -2.21 -33.25
C SER C 44 -5.00 -2.59 -32.77
N ARG C 45 -4.86 -2.79 -31.46
N ARG C 45 -4.82 -2.79 -31.47
CA ARG C 45 -3.59 -3.22 -30.87
CA ARG C 45 -3.50 -3.19 -30.97
C ARG C 45 -3.24 -4.67 -31.20
C ARG C 45 -3.24 -4.70 -31.15
N ASN C 46 -4.22 -5.45 -31.65
CA ASN C 46 -4.02 -6.88 -31.94
C ASN C 46 -4.22 -7.23 -33.42
N LYS C 47 -3.87 -6.29 -34.27
CA LYS C 47 -4.01 -6.39 -35.72
C LYS C 47 -3.06 -7.43 -36.31
N ASN C 48 -1.96 -7.67 -35.63
CA ASN C 48 -0.96 -8.61 -36.12
C ASN C 48 -1.24 -10.07 -35.78
N LYS C 49 -2.46 -10.39 -35.36
CA LYS C 49 -2.82 -11.80 -35.12
C LYS C 49 -4.28 -12.01 -35.37
N GLU C 50 -4.68 -13.29 -35.42
CA GLU C 50 -6.09 -13.62 -35.56
C GLU C 50 -6.73 -13.49 -34.17
N VAL C 51 -7.74 -12.62 -34.03
CA VAL C 51 -8.50 -12.52 -32.79
C VAL C 51 -9.82 -13.20 -32.97
N LEU C 52 -10.00 -14.26 -32.19
CA LEU C 52 -11.24 -14.96 -32.10
C LEU C 52 -12.13 -14.29 -31.06
N GLN C 53 -13.43 -14.55 -31.14
CA GLN C 53 -14.38 -14.01 -30.20
C GLN C 53 -13.99 -14.46 -28.79
N ARG C 54 -13.62 -15.74 -28.66
N ARG C 54 -13.57 -15.72 -28.64
CA ARG C 54 -13.13 -16.34 -27.40
CA ARG C 54 -13.18 -16.26 -27.34
C ARG C 54 -11.96 -15.59 -26.74
C ARG C 54 -11.90 -15.64 -26.73
N ASP C 55 -11.09 -15.01 -27.57
CA ASP C 55 -9.98 -14.23 -27.12
C ASP C 55 -10.53 -12.90 -26.56
N LEU C 56 -11.49 -12.33 -27.26
CA LEU C 56 -12.15 -11.11 -26.80
C LEU C 56 -12.85 -11.35 -25.46
N GLU C 57 -13.51 -12.50 -25.31
CA GLU C 57 -14.18 -12.85 -24.09
C GLU C 57 -13.20 -12.91 -22.92
N SER C 58 -12.03 -13.49 -23.20
CA SER C 58 -11.04 -13.68 -22.18
C SER C 58 -10.41 -12.34 -21.75
N GLU C 59 -10.06 -11.49 -22.70
CA GLU C 59 -9.53 -10.16 -22.44
C GLU C 59 -10.44 -9.31 -21.54
N PHE C 60 -11.74 -9.30 -21.83
CA PHE C 60 -12.67 -8.45 -21.13
C PHE C 60 -13.45 -9.17 -20.06
N SER C 61 -13.11 -10.44 -19.84
N SER C 61 -13.13 -10.45 -19.87
CA SER C 61 -13.79 -11.31 -18.88
CA SER C 61 -13.77 -11.30 -18.89
C SER C 61 -15.29 -11.19 -18.96
C SER C 61 -15.29 -11.17 -18.97
N ILE C 62 -15.82 -11.37 -20.18
CA ILE C 62 -17.28 -11.37 -20.42
C ILE C 62 -17.80 -12.70 -20.99
N LYS C 63 -19.04 -13.05 -20.65
CA LYS C 63 -19.70 -14.28 -21.16
C LYS C 63 -19.84 -14.27 -22.70
N SER C 64 -19.90 -15.46 -23.29
CA SER C 64 -20.13 -15.59 -24.77
C SER C 64 -21.37 -14.83 -25.25
N SER C 65 -22.44 -14.99 -24.49
CA SER C 65 -23.70 -14.36 -24.83
C SER C 65 -23.52 -12.85 -24.83
N THR C 66 -22.81 -12.32 -23.83
CA THR C 66 -22.51 -10.89 -23.77
C THR C 66 -21.66 -10.46 -24.97
N ALA C 67 -20.60 -11.22 -25.27
CA ALA C 67 -19.76 -10.89 -26.41
C ALA C 67 -20.55 -10.95 -27.73
N THR C 68 -21.33 -12.01 -27.90
CA THR C 68 -22.15 -12.13 -29.13
C THR C 68 -23.05 -10.94 -29.37
N VAL C 69 -23.83 -10.57 -28.35
CA VAL C 69 -24.75 -9.44 -28.46
C VAL C 69 -23.97 -8.18 -28.85
N LEU C 70 -22.82 -8.00 -28.22
CA LEU C 70 -22.02 -6.80 -28.38
C LEU C 70 -21.45 -6.72 -29.82
N LEU C 71 -20.96 -7.85 -30.28
CA LEU C 71 -20.30 -7.87 -31.58
C LEU C 71 -21.33 -7.72 -32.72
N GLN C 72 -22.47 -8.41 -32.61
N GLN C 72 -22.49 -8.38 -32.57
CA GLN C 72 -23.58 -8.20 -33.55
CA GLN C 72 -23.63 -8.21 -33.50
C GLN C 72 -23.83 -6.71 -33.75
C GLN C 72 -24.10 -6.77 -33.65
N ARG C 73 -24.22 -6.01 -32.70
N ARG C 73 -24.09 -5.98 -32.59
CA ARG C 73 -24.50 -4.58 -32.82
CA ARG C 73 -24.44 -4.56 -32.72
C ARG C 73 -23.36 -3.76 -33.49
C ARG C 73 -23.36 -3.78 -33.48
N MSE C 74 -22.11 -4.09 -33.20
CA MSE C 74 -20.97 -3.47 -33.90
C MSE C 74 -20.85 -3.94 -35.39
O MSE C 74 -20.27 -3.23 -36.21
CB MSE C 74 -19.65 -3.77 -33.15
CG MSE C 74 -19.56 -3.15 -31.75
SE MSE C 74 -17.85 -3.61 -30.86
CE MSE C 74 -16.60 -2.60 -32.00
N GLU C 75 -21.35 -5.12 -35.71
CA GLU C 75 -21.52 -5.54 -37.11
C GLU C 75 -22.56 -4.65 -37.85
N ILE C 76 -23.75 -4.57 -37.26
CA ILE C 76 -24.84 -3.70 -37.68
C ILE C 76 -24.42 -2.24 -37.87
N LYS C 77 -23.45 -1.78 -37.09
CA LYS C 77 -22.91 -0.41 -37.20
C LYS C 77 -21.73 -0.37 -38.20
N LYS C 78 -21.36 -1.52 -38.76
CA LYS C 78 -20.30 -1.63 -39.78
C LYS C 78 -18.93 -1.25 -39.23
N LEU C 79 -18.73 -1.57 -37.95
CA LEU C 79 -17.46 -1.30 -37.24
C LEU C 79 -16.54 -2.50 -37.31
N LEU C 80 -17.10 -3.70 -37.35
CA LEU C 80 -16.31 -4.90 -37.57
C LEU C 80 -17.07 -5.96 -38.36
N TYR C 81 -16.36 -7.00 -38.76
CA TYR C 81 -16.97 -8.18 -39.36
C TYR C 81 -16.19 -9.45 -38.99
N ARG C 82 -16.86 -10.60 -39.12
CA ARG C 82 -16.26 -11.91 -38.87
C ARG C 82 -15.68 -12.57 -40.17
N LYS C 83 -14.35 -12.57 -40.28
CA LYS C 83 -13.64 -12.98 -41.46
C LYS C 83 -13.28 -14.45 -41.32
N VAL C 84 -13.43 -15.22 -42.39
CA VAL C 84 -12.92 -16.61 -42.41
C VAL C 84 -11.44 -16.61 -42.07
N SER C 85 -11.05 -17.45 -41.13
CA SER C 85 -9.69 -17.60 -40.72
C SER C 85 -8.81 -18.19 -41.85
N GLY C 86 -7.65 -17.58 -42.05
CA GLY C 86 -6.66 -18.07 -43.00
C GLY C 86 -5.99 -19.34 -42.51
N LYS C 87 -5.76 -19.41 -41.21
CA LYS C 87 -5.15 -20.59 -40.59
C LYS C 87 -6.06 -21.81 -40.75
N ASP C 88 -7.36 -21.60 -40.56
CA ASP C 88 -8.36 -22.67 -40.59
C ASP C 88 -9.71 -22.11 -41.07
N SER C 89 -10.13 -22.44 -42.27
CA SER C 89 -11.27 -21.77 -42.90
C SER C 89 -12.65 -22.09 -42.29
N ARG C 90 -12.66 -23.03 -41.33
N ARG C 90 -12.71 -23.04 -41.34
CA ARG C 90 -13.81 -23.41 -40.50
CA ARG C 90 -13.95 -23.34 -40.59
C ARG C 90 -14.17 -22.30 -39.54
C ARG C 90 -14.01 -22.53 -39.30
N GLN C 91 -13.13 -21.55 -39.18
CA GLN C 91 -13.12 -20.64 -38.07
C GLN C 91 -13.22 -19.21 -38.59
N LYS C 92 -13.72 -18.31 -37.76
CA LYS C 92 -13.86 -16.92 -38.12
C LYS C 92 -13.11 -16.12 -37.12
N CYS C 93 -12.57 -15.00 -37.57
CA CYS C 93 -11.84 -14.08 -36.73
C CYS C 93 -12.44 -12.68 -36.90
N LEU C 94 -12.14 -11.80 -35.96
CA LEU C 94 -12.81 -10.53 -35.84
C LEU C 94 -11.94 -9.53 -36.54
N LYS C 95 -12.55 -8.64 -37.31
N LYS C 95 -12.55 -8.64 -37.31
CA LYS C 95 -11.80 -7.68 -38.12
CA LYS C 95 -11.81 -7.68 -38.13
C LYS C 95 -12.47 -6.30 -38.13
C LYS C 95 -12.46 -6.30 -38.14
N LEU C 96 -11.66 -5.26 -37.96
CA LEU C 96 -12.13 -3.89 -38.07
C LEU C 96 -12.37 -3.48 -39.56
N THR C 97 -13.44 -2.72 -39.78
CA THR C 97 -13.74 -2.15 -41.08
C THR C 97 -13.01 -0.80 -41.21
N LYS C 98 -13.15 -0.19 -42.39
CA LYS C 98 -12.60 1.15 -42.67
C LYS C 98 -13.23 2.24 -41.81
N LYS C 99 -14.54 2.17 -41.57
CA LYS C 99 -15.22 3.07 -40.63
C LYS C 99 -14.49 3.12 -39.28
N ALA C 100 -14.26 1.93 -38.70
CA ALA C 100 -13.56 1.76 -37.43
C ALA C 100 -12.08 2.19 -37.51
N ASN C 101 -11.41 1.84 -38.62
CA ASN C 101 -10.00 2.24 -38.88
C ASN C 101 -9.75 3.74 -38.77
N LYS C 102 -10.75 4.55 -39.15
CA LYS C 102 -10.61 6.00 -39.08
C LYS C 102 -10.40 6.46 -37.62
N LEU C 103 -11.15 5.82 -36.72
CA LEU C 103 -11.26 6.23 -35.31
C LEU C 103 -10.09 5.75 -34.44
N GLU C 104 -9.45 4.66 -34.85
CA GLU C 104 -8.32 4.05 -34.14
C GLU C 104 -7.39 5.09 -33.50
N THR C 105 -6.90 6.02 -34.33
CA THR C 105 -6.01 7.09 -33.88
C THR C 105 -6.57 7.86 -32.65
N ILE C 106 -7.79 8.37 -32.80
CA ILE C 106 -8.47 9.18 -31.78
C ILE C 106 -8.62 8.35 -30.49
N ILE C 107 -9.09 7.12 -30.64
CA ILE C 107 -9.39 6.23 -29.53
C ILE C 107 -8.16 5.91 -28.68
N LEU C 108 -7.08 5.46 -29.30
CA LEU C 108 -5.86 5.09 -28.58
C LEU C 108 -5.34 6.27 -27.72
N SER C 109 -5.40 7.47 -28.31
CA SER C 109 -4.96 8.68 -27.62
C SER C 109 -5.92 9.06 -26.48
N TYR C 110 -7.23 8.90 -26.72
CA TYR C 110 -8.24 9.15 -25.67
C TYR C 110 -8.07 8.24 -24.46
N MSE C 111 -7.92 6.94 -24.72
CA MSE C 111 -7.70 5.95 -23.67
C MSE C 111 -6.56 6.41 -22.77
O MSE C 111 -6.67 6.41 -21.53
CB MSE C 111 -7.31 4.57 -24.26
CG MSE C 111 -8.32 3.93 -25.22
SE MSE C 111 -10.07 3.43 -24.45
CE MSE C 111 -11.22 3.88 -25.95
N ASP C 112 -5.47 6.83 -23.43
CA ASP C 112 -4.24 7.22 -22.74
C ASP C 112 -4.43 8.44 -21.84
N SER C 113 -5.18 9.43 -22.31
CA SER C 113 -5.42 10.65 -21.53
C SER C 113 -6.44 10.48 -20.41
N ASP C 114 -7.40 9.56 -20.59
CA ASP C 114 -8.40 9.33 -19.54
C ASP C 114 -7.76 8.68 -18.32
N GLN C 115 -7.02 7.61 -18.56
CA GLN C 115 -6.29 6.90 -17.51
C GLN C 115 -5.25 7.82 -16.83
N SER C 116 -4.53 8.61 -17.64
CA SER C 116 -3.59 9.62 -17.12
C SER C 116 -4.27 10.56 -16.17
N GLN C 117 -5.40 11.14 -16.60
CA GLN C 117 -6.15 12.03 -15.69
C GLN C 117 -6.61 11.27 -14.44
N MSE C 118 -7.04 10.02 -14.62
N MSE C 118 -7.03 10.03 -14.65
CA MSE C 118 -7.52 9.23 -13.49
CA MSE C 118 -7.52 9.16 -13.58
C MSE C 118 -6.41 8.81 -12.53
C MSE C 118 -6.43 8.80 -12.56
O MSE C 118 -6.62 8.79 -11.32
O MSE C 118 -6.66 8.83 -11.37
CB MSE C 118 -8.32 8.02 -13.95
CB MSE C 118 -8.11 7.88 -14.18
CG MSE C 118 -8.98 7.29 -12.79
CG MSE C 118 -8.84 7.02 -13.18
SE MSE C 118 -10.70 6.50 -13.27
SE MSE C 118 -9.65 5.45 -14.03
CE MSE C 118 -11.75 8.13 -13.38
CE MSE C 118 -8.11 4.70 -14.95
N THR C 119 -5.23 8.49 -13.05
CA THR C 119 -4.07 8.22 -12.20
C THR C 119 -3.11 9.41 -12.03
N SER C 120 -3.61 10.66 -12.10
CA SER C 120 -2.74 11.84 -12.09
C SER C 120 -2.22 12.18 -10.69
N GLY C 121 -3.05 12.03 -9.66
CA GLY C 121 -2.63 12.21 -8.28
C GLY C 121 -1.76 11.11 -7.68
N LEU C 122 -1.61 10.03 -8.42
CA LEU C 122 -1.02 8.78 -7.95
C LEU C 122 0.41 8.60 -8.42
N ASN C 123 1.26 8.11 -7.55
CA ASN C 123 2.61 7.73 -7.94
C ASN C 123 2.58 6.38 -8.61
N LYS C 124 3.56 6.09 -9.47
CA LYS C 124 3.48 4.86 -10.28
C LYS C 124 3.44 3.59 -9.44
N GLU C 125 4.14 3.57 -8.32
CA GLU C 125 4.18 2.43 -7.42
C GLU C 125 2.79 2.08 -6.85
N GLU C 126 1.95 3.08 -6.66
CA GLU C 126 0.51 2.90 -6.27
C GLU C 126 -0.34 2.28 -7.36
N VAL C 127 -0.13 2.74 -8.59
CA VAL C 127 -0.78 2.19 -9.77
C VAL C 127 -0.41 0.71 -9.93
N VAL C 128 0.88 0.41 -9.78
CA VAL C 128 1.36 -0.97 -9.87
C VAL C 128 0.69 -1.81 -8.76
N PHE C 129 0.75 -1.33 -7.53
CA PHE C 129 0.10 -2.05 -6.46
C PHE C 129 -1.39 -2.35 -6.80
N LEU C 130 -2.15 -1.35 -7.20
CA LEU C 130 -3.58 -1.51 -7.52
C LEU C 130 -3.87 -2.50 -8.66
N GLU C 131 -3.10 -2.44 -9.73
N GLU C 131 -3.10 -2.41 -9.74
CA GLU C 131 -3.32 -3.36 -10.84
CA GLU C 131 -3.26 -3.38 -10.84
C GLU C 131 -3.05 -4.82 -10.44
C GLU C 131 -3.11 -4.82 -10.36
N LYS C 132 -2.05 -5.06 -9.58
CA LYS C 132 -1.76 -6.38 -9.08
C LYS C 132 -2.88 -6.93 -8.19
N ILE C 133 -3.35 -6.06 -7.28
CA ILE C 133 -4.44 -6.42 -6.42
C ILE C 133 -5.68 -6.72 -7.24
N LEU C 134 -6.02 -5.89 -8.21
CA LEU C 134 -7.22 -6.09 -9.03
C LEU C 134 -7.18 -7.38 -9.88
N LYS C 135 -5.99 -7.75 -10.34
N LYS C 135 -6.03 -7.68 -10.49
CA LYS C 135 -5.75 -9.03 -11.01
CA LYS C 135 -5.82 -8.86 -11.35
C LYS C 135 -6.05 -10.21 -10.06
C LYS C 135 -6.18 -10.12 -10.57
N ARG C 136 -5.55 -10.17 -8.83
N ARG C 136 -5.76 -10.13 -9.30
CA ARG C 136 -5.86 -11.22 -7.90
CA ARG C 136 -6.02 -11.25 -8.42
C ARG C 136 -7.36 -11.37 -7.62
C ARG C 136 -7.49 -11.33 -7.98
N MSE C 137 -8.03 -10.24 -7.45
CA MSE C 137 -9.48 -10.16 -7.15
C MSE C 137 -10.32 -10.71 -8.31
O MSE C 137 -11.26 -11.42 -8.11
CB MSE C 137 -9.85 -8.70 -6.98
CG MSE C 137 -10.93 -8.37 -6.00
SE MSE C 137 -11.06 -6.39 -5.96
CE MSE C 137 -9.74 -6.02 -4.67
N ILE C 138 -9.97 -10.35 -9.52
CA ILE C 138 -10.70 -10.78 -10.70
C ILE C 138 -10.55 -12.31 -10.97
N GLU C 139 -9.34 -12.84 -10.78
CA GLU C 139 -9.02 -14.28 -10.93
C GLU C 139 -9.87 -15.14 -10.00
N SER C 140 -10.05 -14.63 -8.79
CA SER C 140 -10.72 -15.29 -7.67
C SER C 140 -12.27 -15.24 -7.65
N ASP C 141 -12.88 -14.45 -8.55
CA ASP C 141 -14.36 -14.27 -8.62
C ASP C 141 -15.08 -15.61 -8.82
N ASP D 7 -4.04 -1.04 -18.80
CA ASP D 7 -4.83 -2.20 -18.28
C ASP D 7 -5.56 -1.93 -16.95
N LEU D 8 -5.29 -0.79 -16.32
CA LEU D 8 -5.99 -0.43 -15.08
C LEU D 8 -7.48 -0.32 -15.30
N GLY D 9 -7.85 0.42 -16.33
CA GLY D 9 -9.25 0.67 -16.67
C GLY D 9 -9.98 -0.61 -16.95
N ARG D 10 -9.28 -1.55 -17.61
CA ARG D 10 -9.89 -2.81 -18.02
C ARG D 10 -10.21 -3.65 -16.79
N LEU D 11 -9.22 -3.78 -15.94
CA LEU D 11 -9.35 -4.45 -14.65
C LEU D 11 -10.37 -3.86 -13.69
N LEU D 12 -10.40 -2.53 -13.61
CA LEU D 12 -11.32 -1.82 -12.74
C LEU D 12 -12.78 -2.07 -13.13
N LYS D 13 -13.03 -1.99 -14.44
CA LYS D 13 -14.32 -2.28 -15.01
C LYS D 13 -14.71 -3.73 -14.71
N ILE D 14 -13.80 -4.67 -14.93
CA ILE D 14 -14.13 -6.07 -14.63
C ILE D 14 -14.45 -6.32 -13.16
N ALA D 15 -13.60 -5.86 -12.24
CA ALA D 15 -13.82 -6.06 -10.82
C ALA D 15 -15.15 -5.47 -10.37
N SER D 16 -15.42 -4.24 -10.80
CA SER D 16 -16.70 -3.60 -10.51
C SER D 16 -17.92 -4.31 -11.10
N ASN D 17 -17.85 -4.74 -12.37
CA ASN D 17 -18.99 -5.42 -12.98
C ASN D 17 -19.21 -6.81 -12.41
N GLN D 18 -18.14 -7.48 -12.05
CA GLN D 18 -18.28 -8.76 -11.35
C GLN D 18 -19.02 -8.58 -10.00
N MSE D 19 -18.66 -7.54 -9.25
CA MSE D 19 -19.31 -7.27 -8.00
C MSE D 19 -20.79 -6.94 -8.16
O MSE D 19 -21.64 -7.53 -7.47
CB MSE D 19 -18.58 -6.16 -7.28
CG MSE D 19 -19.15 -5.80 -5.92
SE MSE D 19 -18.04 -4.43 -5.02
CE MSE D 19 -17.68 -3.12 -6.45
N SER D 20 -21.11 -6.04 -9.07
N SER D 20 -21.13 -6.04 -9.07
CA SER D 20 -22.50 -5.68 -9.34
CA SER D 20 -22.55 -5.69 -9.29
C SER D 20 -23.35 -6.89 -9.75
C SER D 20 -23.38 -6.89 -9.77
N THR D 21 -22.79 -7.73 -10.61
CA THR D 21 -23.39 -8.99 -11.01
C THR D 21 -23.70 -9.92 -9.83
N ARG D 22 -22.75 -10.12 -8.93
CA ARG D 22 -22.97 -10.90 -7.68
C ARG D 22 -24.09 -10.29 -6.78
N PHE D 23 -23.99 -8.99 -6.62
CA PHE D 23 -24.94 -8.23 -5.84
C PHE D 23 -26.37 -8.34 -6.40
N ASP D 24 -26.51 -8.31 -7.73
N ASP D 24 -26.53 -8.33 -7.73
CA ASP D 24 -27.84 -8.38 -8.35
CA ASP D 24 -27.88 -8.38 -8.34
C ASP D 24 -28.51 -9.76 -8.20
C ASP D 24 -28.51 -9.77 -8.21
N ILE D 25 -27.72 -10.80 -8.36
CA ILE D 25 -28.18 -12.18 -8.18
C ILE D 25 -28.68 -12.41 -6.73
N PHE D 26 -27.92 -11.94 -5.75
CA PHE D 26 -28.33 -12.11 -4.35
C PHE D 26 -29.60 -11.29 -4.02
N ALA D 27 -29.58 -10.03 -4.44
CA ALA D 27 -30.61 -9.08 -4.13
C ALA D 27 -31.94 -9.48 -4.75
N LYS D 28 -31.92 -10.05 -5.96
CA LYS D 28 -33.17 -10.40 -6.62
C LYS D 28 -33.98 -11.47 -5.88
N LYS D 29 -33.28 -12.30 -5.13
CA LYS D 29 -33.94 -13.27 -4.22
C LYS D 29 -34.96 -12.63 -3.23
N TYR D 30 -34.73 -11.37 -2.89
CA TYR D 30 -35.49 -10.66 -1.87
C TYR D 30 -36.17 -9.42 -2.49
N ASP D 31 -36.45 -9.49 -3.78
CA ASP D 31 -37.17 -8.41 -4.50
C ASP D 31 -36.51 -7.05 -4.38
N LEU D 32 -35.19 -7.10 -4.49
CA LEU D 32 -34.30 -5.94 -4.45
C LEU D 32 -33.39 -5.88 -5.68
N THR D 33 -33.03 -4.67 -6.09
CA THR D 33 -31.91 -4.50 -6.99
C THR D 33 -30.63 -4.52 -6.13
N GLY D 34 -29.50 -4.79 -6.77
CA GLY D 34 -28.19 -4.68 -6.15
C GLY D 34 -27.99 -3.39 -5.41
N THR D 35 -28.28 -2.28 -6.09
CA THR D 35 -28.16 -0.98 -5.46
C THR D 35 -29.07 -0.80 -4.25
N GLN D 36 -30.35 -1.19 -4.38
CA GLN D 36 -31.22 -1.11 -3.20
C GLN D 36 -30.67 -1.89 -2.02
N MSE D 37 -30.14 -3.09 -2.28
CA MSE D 37 -29.60 -3.94 -1.25
C MSE D 37 -28.41 -3.19 -0.59
O MSE D 37 -28.30 -3.11 0.64
CB MSE D 37 -29.17 -5.28 -1.88
CG MSE D 37 -28.58 -6.29 -0.94
SE MSE D 37 -26.65 -6.04 -0.64
CE MSE D 37 -26.13 -6.38 -2.53
N THR D 38 -27.57 -2.52 -1.41
CA THR D 38 -26.46 -1.76 -0.80
C THR D 38 -26.96 -0.59 0.06
N ILE D 39 -28.11 0.00 -0.27
CA ILE D 39 -28.64 1.10 0.51
C ILE D 39 -29.18 0.59 1.85
N ILE D 40 -29.87 -0.56 1.86
CA ILE D 40 -30.35 -1.17 3.12
C ILE D 40 -29.15 -1.55 4.02
N ASP D 41 -28.09 -2.08 3.40
CA ASP D 41 -26.86 -2.38 4.13
C ASP D 41 -26.24 -1.16 4.78
N TYR D 42 -26.09 -0.08 4.02
CA TYR D 42 -25.67 1.19 4.57
C TYR D 42 -26.54 1.75 5.70
N LEU D 43 -27.84 1.79 5.49
CA LEU D 43 -28.72 2.33 6.53
C LEU D 43 -28.71 1.47 7.76
N SER D 44 -28.60 0.16 7.57
CA SER D 44 -28.56 -0.77 8.67
C SER D 44 -27.32 -0.59 9.56
N ARG D 45 -26.17 -0.38 8.93
N ARG D 45 -26.20 -0.33 8.92
CA ARG D 45 -24.92 -0.14 9.64
CA ARG D 45 -24.92 -0.14 9.60
C ARG D 45 -24.91 1.19 10.40
C ARG D 45 -24.79 1.25 10.24
N ASN D 46 -25.76 2.11 9.99
CA ASN D 46 -25.78 3.47 10.52
C ASN D 46 -27.06 3.83 11.28
N LYS D 47 -27.69 2.81 11.84
CA LYS D 47 -29.02 2.93 12.46
C LYS D 47 -29.04 3.84 13.65
N ASN D 48 -27.89 3.94 14.31
N ASN D 48 -27.92 3.92 14.36
CA ASN D 48 -27.74 4.69 15.55
CA ASN D 48 -27.87 4.71 15.57
C ASN D 48 -27.22 6.12 15.34
C ASN D 48 -27.49 6.18 15.34
N LYS D 49 -27.22 6.55 14.09
CA LYS D 49 -27.11 7.97 13.75
C LYS D 49 -28.23 8.35 12.77
N GLU D 50 -28.49 9.64 12.69
CA GLU D 50 -29.43 10.15 11.72
C GLU D 50 -28.72 10.12 10.38
N VAL D 51 -29.41 9.68 9.34
CA VAL D 51 -28.89 9.63 8.00
C VAL D 51 -29.78 10.48 7.12
N LEU D 52 -29.25 11.55 6.59
CA LEU D 52 -30.01 12.40 5.65
C LEU D 52 -29.77 11.93 4.21
N GLN D 53 -30.68 12.22 3.31
CA GLN D 53 -30.43 11.99 1.91
C GLN D 53 -29.08 12.55 1.39
N ARG D 54 -28.70 13.75 1.84
N ARG D 54 -28.68 13.75 1.82
CA ARG D 54 -27.40 14.36 1.51
CA ARG D 54 -27.38 14.28 1.40
C ARG D 54 -26.20 13.51 1.95
C ARG D 54 -26.18 13.47 1.93
N ASP D 55 -26.32 12.83 3.08
CA ASP D 55 -25.33 11.87 3.56
C ASP D 55 -25.17 10.66 2.61
N LEU D 56 -26.30 10.12 2.16
CA LEU D 56 -26.33 9.00 1.26
C LEU D 56 -25.74 9.42 -0.10
N GLU D 57 -26.12 10.60 -0.58
CA GLU D 57 -25.53 11.16 -1.80
C GLU D 57 -24.02 11.19 -1.73
N SER D 58 -23.48 11.66 -0.61
CA SER D 58 -22.05 11.74 -0.38
C SER D 58 -21.39 10.39 -0.25
N GLU D 59 -22.02 9.52 0.50
CA GLU D 59 -21.48 8.17 0.65
C GLU D 59 -21.33 7.41 -0.68
N PHE D 60 -22.35 7.50 -1.54
CA PHE D 60 -22.40 6.75 -2.80
C PHE D 60 -21.95 7.56 -4.03
N SER D 61 -21.51 8.79 -3.79
CA SER D 61 -21.20 9.78 -4.81
C SER D 61 -22.21 9.80 -5.90
N ILE D 62 -23.49 9.94 -5.55
CA ILE D 62 -24.52 10.07 -6.56
C ILE D 62 -25.24 11.47 -6.51
N LYS D 63 -25.83 11.90 -7.63
CA LYS D 63 -26.46 13.23 -7.69
C LYS D 63 -27.76 13.23 -6.89
N SER D 64 -28.14 14.40 -6.38
CA SER D 64 -29.43 14.54 -5.69
C SER D 64 -30.65 13.97 -6.42
N SER D 65 -30.76 14.24 -7.72
CA SER D 65 -31.87 13.75 -8.57
C SER D 65 -31.97 12.21 -8.60
N THR D 66 -30.84 11.57 -8.85
CA THR D 66 -30.68 10.12 -8.81
C THR D 66 -31.06 9.52 -7.45
N ALA D 67 -30.54 10.11 -6.38
CA ALA D 67 -30.83 9.68 -5.02
C ALA D 67 -32.35 9.77 -4.72
N THR D 68 -32.98 10.83 -5.22
CA THR D 68 -34.42 11.05 -4.98
C THR D 68 -35.23 9.95 -5.67
N VAL D 69 -34.84 9.61 -6.90
CA VAL D 69 -35.51 8.59 -7.69
C VAL D 69 -35.32 7.20 -7.05
N LEU D 70 -34.09 6.91 -6.63
CA LEU D 70 -33.74 5.66 -5.95
C LEU D 70 -34.54 5.45 -4.66
N LEU D 71 -34.52 6.47 -3.80
CA LEU D 71 -35.25 6.43 -2.58
C LEU D 71 -36.76 6.38 -2.79
N GLN D 72 -37.26 7.07 -3.81
CA GLN D 72 -38.71 6.99 -4.09
C GLN D 72 -39.18 5.59 -4.46
N ARG D 73 -38.43 4.89 -5.30
N ARG D 73 -38.45 4.89 -5.32
N ARG D 73 -38.42 4.90 -5.32
CA ARG D 73 -38.75 3.49 -5.59
CA ARG D 73 -38.75 3.48 -5.63
CA ARG D 73 -38.66 3.50 -5.62
C ARG D 73 -38.80 2.67 -4.30
C ARG D 73 -38.69 2.56 -4.39
C ARG D 73 -38.75 2.65 -4.35
N MSE D 74 -37.83 2.87 -3.43
CA MSE D 74 -37.74 2.11 -2.19
C MSE D 74 -38.92 2.39 -1.21
O MSE D 74 -39.40 1.51 -0.50
CB MSE D 74 -36.39 2.40 -1.53
CG MSE D 74 -35.20 1.81 -2.33
SE MSE D 74 -33.44 2.11 -1.53
CE MSE D 74 -33.68 0.88 -0.01
N GLU D 75 -39.37 3.63 -1.18
CA GLU D 75 -40.58 4.00 -0.46
C GLU D 75 -41.81 3.30 -1.04
N ILE D 76 -41.91 3.23 -2.35
CA ILE D 76 -42.97 2.51 -2.98
C ILE D 76 -42.92 0.99 -2.64
N LYS D 77 -41.70 0.45 -2.46
CA LYS D 77 -41.57 -0.93 -2.09
C LYS D 77 -41.77 -1.07 -0.62
N LYS D 78 -42.10 0.02 0.07
CA LYS D 78 -42.32 0.04 1.51
C LYS D 78 -41.09 -0.46 2.26
N LEU D 79 -39.92 -0.07 1.78
CA LEU D 79 -38.65 -0.44 2.39
C LEU D 79 -38.13 0.65 3.32
N LEU D 80 -38.49 1.89 3.02
CA LEU D 80 -38.00 2.98 3.81
C LEU D 80 -38.97 4.16 3.80
N TYR D 81 -38.74 5.09 4.70
CA TYR D 81 -39.56 6.28 4.80
C TYR D 81 -38.72 7.38 5.41
N ARG D 82 -39.28 8.58 5.40
CA ARG D 82 -38.66 9.76 5.99
C ARG D 82 -39.34 10.18 7.28
N LYS D 83 -38.53 10.52 8.27
CA LYS D 83 -38.99 10.97 9.54
C LYS D 83 -38.44 12.37 9.75
N VAL D 84 -39.25 13.24 10.33
CA VAL D 84 -38.77 14.55 10.71
C VAL D 84 -37.59 14.33 11.69
N SER D 85 -36.47 15.00 11.43
CA SER D 85 -35.26 14.83 12.22
C SER D 85 -35.41 15.43 13.61
N GLY D 86 -34.73 14.79 14.56
CA GLY D 86 -34.78 15.19 15.97
C GLY D 86 -33.79 16.30 16.28
N LYS D 87 -32.70 16.36 15.49
N LYS D 87 -32.73 16.42 15.47
CA LYS D 87 -31.74 17.46 15.55
CA LYS D 87 -31.77 17.49 15.70
C LYS D 87 -32.39 18.77 15.11
C LYS D 87 -32.13 18.79 14.95
N ASP D 88 -33.00 18.71 13.93
CA ASP D 88 -33.44 19.87 13.19
C ASP D 88 -34.71 19.52 12.43
N SER D 89 -35.82 20.11 12.86
CA SER D 89 -37.14 19.83 12.30
C SER D 89 -37.30 20.23 10.81
N ARG D 90 -36.27 20.86 10.24
CA ARG D 90 -36.23 21.23 8.83
C ARG D 90 -35.65 20.11 8.00
N GLN D 91 -35.08 19.09 8.63
N GLN D 91 -35.05 19.11 8.65
CA GLN D 91 -34.48 18.00 7.90
CA GLN D 91 -34.40 17.97 7.99
C GLN D 91 -35.28 16.73 8.12
C GLN D 91 -35.29 16.75 8.11
N LYS D 92 -35.20 15.86 7.13
CA LYS D 92 -35.80 14.55 7.18
C LYS D 92 -34.73 13.47 7.11
N CYS D 93 -34.78 12.53 8.04
N CYS D 93 -34.78 12.55 8.08
CA CYS D 93 -33.84 11.44 8.07
CA CYS D 93 -33.93 11.38 8.16
C CYS D 93 -34.49 10.15 7.56
C CYS D 93 -34.52 10.24 7.35
N LEU D 94 -33.67 9.33 6.95
CA LEU D 94 -34.09 8.09 6.33
C LEU D 94 -34.20 6.93 7.33
N LYS D 95 -35.31 6.22 7.27
CA LYS D 95 -35.57 5.09 8.19
C LYS D 95 -35.98 3.86 7.42
N LEU D 96 -35.45 2.71 7.81
CA LEU D 96 -35.92 1.43 7.26
C LEU D 96 -37.24 0.99 7.90
N THR D 97 -38.07 0.35 7.11
CA THR D 97 -39.31 -0.21 7.61
C THR D 97 -39.04 -1.54 8.30
N LYS D 98 -40.06 -2.01 8.98
CA LYS D 98 -40.03 -3.36 9.52
C LYS D 98 -39.79 -4.42 8.41
N LYS D 99 -40.42 -4.25 7.26
CA LYS D 99 -40.10 -5.06 6.07
C LYS D 99 -38.62 -5.17 5.72
N ALA D 100 -37.93 -4.03 5.66
CA ALA D 100 -36.55 -4.00 5.29
C ALA D 100 -35.70 -4.58 6.42
N ASN D 101 -36.09 -4.30 7.67
CA ASN D 101 -35.38 -4.81 8.87
C ASN D 101 -35.37 -6.33 8.97
N LYS D 102 -36.36 -6.97 8.37
CA LYS D 102 -36.39 -8.44 8.31
C LYS D 102 -35.26 -9.00 7.44
N LEU D 103 -34.70 -8.17 6.56
CA LEU D 103 -33.59 -8.57 5.70
C LEU D 103 -32.21 -8.15 6.23
N GLU D 104 -32.20 -7.41 7.35
N GLU D 104 -32.17 -7.53 7.41
CA GLU D 104 -30.98 -6.75 7.84
CA GLU D 104 -30.90 -6.98 7.91
C GLU D 104 -29.81 -7.71 8.00
C GLU D 104 -29.80 -8.02 8.20
N THR D 105 -30.10 -8.81 8.70
N THR D 105 -30.12 -9.12 8.90
CA THR D 105 -29.10 -9.85 9.01
CA THR D 105 -29.07 -10.13 9.12
C THR D 105 -28.62 -10.63 7.77
C THR D 105 -28.61 -10.75 7.81
N ILE D 106 -29.56 -11.00 6.91
CA ILE D 106 -29.25 -11.67 5.65
C ILE D 106 -28.30 -10.81 4.80
N ILE D 107 -28.64 -9.53 4.65
CA ILE D 107 -27.86 -8.59 3.86
C ILE D 107 -26.48 -8.30 4.47
N LEU D 108 -26.42 -8.01 5.77
N LEU D 108 -26.44 -8.02 5.79
CA LEU D 108 -25.14 -7.74 6.44
CA LEU D 108 -25.18 -7.80 6.52
C LEU D 108 -24.21 -8.96 6.36
C LEU D 108 -24.24 -8.95 6.29
N SER D 109 -24.76 -10.16 6.52
CA SER D 109 -23.98 -11.35 6.39
C SER D 109 -23.47 -11.56 4.96
N TYR D 110 -24.33 -11.32 3.95
CA TYR D 110 -23.91 -11.43 2.54
C TYR D 110 -22.78 -10.44 2.28
N MSE D 111 -23.02 -9.20 2.68
CA MSE D 111 -22.04 -8.15 2.38
C MSE D 111 -20.70 -8.31 3.12
O MSE D 111 -19.65 -8.06 2.55
CB MSE D 111 -22.61 -6.75 2.61
CG MSE D 111 -23.76 -6.45 1.65
SE MSE D 111 -23.05 -6.17 -0.13
CE MSE D 111 -22.46 -4.29 0.07
N ASP D 112 -20.76 -8.73 4.38
CA ASP D 112 -19.54 -9.05 5.14
C ASP D 112 -18.74 -10.18 4.44
N SER D 113 -19.43 -11.22 4.01
CA SER D 113 -18.76 -12.31 3.31
C SER D 113 -18.20 -11.89 1.98
N ASP D 114 -18.95 -11.06 1.28
CA ASP D 114 -18.52 -10.63 -0.05
C ASP D 114 -17.22 -9.83 0.04
N GLN D 115 -17.17 -8.91 0.99
N GLN D 115 -17.13 -8.98 1.04
CA GLN D 115 -15.95 -8.10 1.22
CA GLN D 115 -15.93 -8.16 1.19
C GLN D 115 -14.81 -9.00 1.65
C GLN D 115 -14.75 -8.91 1.79
N SER D 116 -15.03 -9.87 2.65
CA SER D 116 -14.00 -10.78 3.13
C SER D 116 -13.39 -11.62 2.00
N GLN D 117 -14.22 -12.06 1.05
CA GLN D 117 -13.75 -12.81 -0.12
C GLN D 117 -12.94 -11.91 -1.05
N MSE D 118 -13.48 -10.74 -1.37
CA MSE D 118 -12.79 -9.79 -2.25
C MSE D 118 -11.41 -9.40 -1.76
O MSE D 118 -10.50 -9.21 -2.57
CB MSE D 118 -13.60 -8.49 -2.45
CG MSE D 118 -14.18 -8.35 -3.87
SE MSE D 118 -14.92 -6.57 -4.18
CE MSE D 118 -14.01 -5.50 -2.83
N THR D 119 -11.26 -9.24 -0.46
CA THR D 119 -9.98 -8.90 0.15
C THR D 119 -9.25 -10.08 0.78
N SER D 120 -9.57 -11.30 0.38
CA SER D 120 -8.95 -12.42 1.10
C SER D 120 -7.45 -12.47 0.86
N GLY D 121 -6.77 -12.82 1.93
CA GLY D 121 -5.32 -12.79 1.93
C GLY D 121 -4.68 -11.43 2.06
N LEU D 122 -5.44 -10.33 2.01
CA LEU D 122 -4.84 -8.99 2.09
C LEU D 122 -4.72 -8.61 3.54
N ASN D 123 -3.57 -8.05 3.89
CA ASN D 123 -3.41 -7.41 5.18
C ASN D 123 -4.27 -6.17 5.24
N LYS D 124 -4.73 -5.86 6.44
CA LYS D 124 -5.53 -4.68 6.69
C LYS D 124 -4.90 -3.39 6.09
N GLU D 125 -3.60 -3.19 6.27
CA GLU D 125 -2.95 -1.97 5.73
C GLU D 125 -3.03 -1.90 4.19
N GLU D 126 -3.07 -3.05 3.53
CA GLU D 126 -3.26 -3.14 2.08
C GLU D 126 -4.65 -2.70 1.67
N VAL D 127 -5.67 -3.11 2.44
CA VAL D 127 -7.03 -2.71 2.18
C VAL D 127 -7.18 -1.17 2.33
N VAL D 128 -6.61 -0.62 3.41
CA VAL D 128 -6.64 0.79 3.64
C VAL D 128 -5.93 1.55 2.51
N PHE D 129 -4.74 1.12 2.14
CA PHE D 129 -3.97 1.69 1.04
C PHE D 129 -4.81 1.73 -0.28
N LEU D 130 -5.46 0.64 -0.61
CA LEU D 130 -6.32 0.55 -1.80
C LEU D 130 -7.46 1.55 -1.81
N GLU D 131 -8.12 1.70 -0.66
CA GLU D 131 -9.17 2.66 -0.48
C GLU D 131 -8.68 4.05 -0.76
N LYS D 132 -7.48 4.38 -0.23
CA LYS D 132 -6.91 5.66 -0.40
C LYS D 132 -6.52 5.91 -1.87
N ILE D 133 -6.01 4.90 -2.55
CA ILE D 133 -5.69 5.04 -3.95
C ILE D 133 -6.97 5.33 -4.76
N LEU D 134 -7.99 4.51 -4.56
CA LEU D 134 -9.24 4.68 -5.30
C LEU D 134 -9.84 6.07 -5.03
N LYS D 135 -9.83 6.54 -3.78
N LYS D 135 -9.80 6.51 -3.77
CA LYS D 135 -10.36 7.89 -3.49
CA LYS D 135 -10.26 7.84 -3.39
C LYS D 135 -9.61 8.95 -4.31
C LYS D 135 -9.61 8.91 -4.29
N ARG D 136 -8.31 8.80 -4.49
CA ARG D 136 -7.59 9.74 -5.33
C ARG D 136 -8.00 9.73 -6.80
N MSE D 137 -8.39 8.56 -7.28
CA MSE D 137 -8.75 8.41 -8.67
C MSE D 137 -10.14 8.97 -8.86
O MSE D 137 -10.45 9.45 -9.93
CB MSE D 137 -8.74 6.95 -9.06
CG MSE D 137 -7.36 6.35 -9.07
SE MSE D 137 -7.44 4.43 -9.38
CE MSE D 137 -8.86 4.30 -10.67
N ILE D 138 -10.95 8.91 -7.83
CA ILE D 138 -12.28 9.50 -7.88
C ILE D 138 -12.11 11.02 -7.91
N GLU D 139 -11.10 11.51 -7.17
CA GLU D 139 -10.80 12.94 -6.94
C GLU D 139 -10.39 13.64 -8.19
N SER D 140 -9.46 13.02 -8.91
CA SER D 140 -9.12 13.39 -10.26
C SER D 140 -10.38 13.62 -11.08
CL CL E . 8.22 17.95 30.09
CL CL F . 6.07 11.11 19.42
C1 GOL G . -18.63 -4.97 0.47
O1 GOL G . -19.50 -5.89 1.11
C2 GOL G . -18.81 -5.02 -1.02
O2 GOL G . -17.91 -5.97 -1.62
C3 GOL G . -18.69 -3.56 -1.55
O3 GOL G . -19.86 -2.74 -1.67
#